data_7RAV
#
_entry.id   7RAV
#
_cell.length_a   1.00
_cell.length_b   1.00
_cell.length_c   1.00
_cell.angle_alpha   90.00
_cell.angle_beta   90.00
_cell.angle_gamma   90.00
#
_symmetry.space_group_name_H-M   'P 1'
#
loop_
_entity.id
_entity.type
_entity.pdbx_description
1 polymer 'Baculoviral IAP repeat-containing protein 1e'
2 non-polymer "ADENOSINE-5'-TRIPHOSPHATE"
#
_entity_poly.entity_id   1
_entity_poly.type   'polypeptide(L)'
_entity_poly.pdbx_seq_one_letter_code
;MDYKDDDDKLAEHGESSEDRISEIDYEFLPELSALLGVDAFQVAKSQEEEEHKERMKMKKGFNSQMRSEAKRLKTFETYD
TFRSWTPQEMAAAGFYHTGVRLGVQCFCCSLILFGNSLRKLPIERHKKLRPECEFLQGKDVGNIGKYDIRVKRPEKMLRG
GKARYHEEEARLESFEDWPFYAHGTSPRVLSAAGFVFTGKRDTVQCFSCGGSLGNWEEGDDPWKEHAKWFPKCEFLQSKK
SSEEIAQYIQSYEGFVHVTGEHFVKSWVRRELPMVSAYCNDSVFANEELRMDMFKDWPQESPVGVEALVRAGFFYTGKKD
IVRCFSCGGCLEKWAEGDDPMEDHIKFFPECVFLQTLKSSAEVIPTLQSQYALPEATETTRESNHGDAAAVHSTVVDLGR
SEAQWFQEARSLSEQLRDNYTKATFRHMNLPEVCSSLGTDHLLSCDVSIISKHISQPVQEALTIPEVFSNLNSVMCVEGE
TGSGKTTFLKRIAFLWASGCCPLLYRFQLVFYLSLSSITPDQGLANIICAQLLGAGGCISEVCLSSSIQQLQHQVLFLLD
DYSGLASLPQALHTLITKNYLSRTCLLIAVHTNRVRDIRLYLGTSLEIQEFPFYNTVSVLRKFFSHDIICVEKLIIYFID
NKDLQGVYKTPLFVAAVCTDWIQNASAQDKFQDVTLFQSYMQYLSLKYKATAEPLQATVSSCGQLALTGLFSSCFEFNSD
DLAEAGVDEDEKLTTLLMSKFTAQRLRPVYRFLGPLFQEFLAAVRLTELLSSDRQEDQDLGLYYLRQIDSPLKAINSFNI
FLYYVSSHSSSKAAPTVVSHLLQLVDEKESLENMSENEDYMKLHPQTFLWFQFVRGLWLVSPESSSSFVSEHLLRLALIF
AYESNTVAECSPFILQFLRGKTLALRVLNLQYFRDHPESLLLLRSLKVSINGNKMSSYVDYSFKTYFENLQPPAIDEEYT
SAFEHISEWRRNFAQDEEIIKNYENIRPRALPDISEGYWKLSPKPCKIPKLEVQVNNTDAADQALLQVLMEVFSASQSIE
FRLFNSSGFLESICPALELSKASVTKCSMSRLELSRAEQELLLTLPALQSLEVSETNQLPEQLFHNLHKFLGLKELCVRL
DGKPNVLSVLPREFPNLLHMEKLSIQTSTESDLSKLVKFIQNFPNLHVFHLKCDFLSNCESLMAVLASCKKLREIEFSGR
CFEAMTFVNILPNFVSLKILNLKDQQFPDKETSEKFAQALGSLRNLEELLVPTGDGIHQVAKLIVRQCLQLPCLRVLTFH
DILDDDSVIEIARAATSGGFQKLENLDISMNHKITEEGYRNFFQALDNLPNLQELNICRNIPGRIQVQATTVKALGQCVS
RLPSLIRLHMLSWLLDEEDMKVINDVKERHPQSKRLIIFWKLIVPFSPVILE
;
_entity_poly.pdbx_strand_id   A
#
loop_
_chem_comp.id
_chem_comp.type
_chem_comp.name
_chem_comp.formula
ATP non-polymer ADENOSINE-5'-TRIPHOSPHATE 'C10 H16 N5 O13 P3'
#
# COMPACT_ATOMS: atom_id res chain seq x y z
N MET A 56 8.79 -32.20 -1.09
CA MET A 56 10.14 -32.16 -0.53
C MET A 56 11.17 -31.91 -1.61
N LYS A 57 11.28 -32.85 -2.54
CA LYS A 57 12.25 -32.78 -3.63
C LYS A 57 11.53 -32.42 -4.92
N MET A 58 12.02 -31.38 -5.60
CA MET A 58 11.44 -30.90 -6.85
C MET A 58 12.58 -30.71 -7.84
N LYS A 59 12.24 -30.46 -9.10
CA LYS A 59 13.24 -30.38 -10.15
C LYS A 59 14.11 -29.15 -9.99
N LYS A 60 15.26 -29.30 -9.31
CA LYS A 60 16.17 -28.18 -9.12
C LYS A 60 16.73 -27.71 -10.46
N GLY A 61 17.19 -28.64 -11.28
CA GLY A 61 17.77 -28.32 -12.56
C GLY A 61 18.95 -27.37 -12.48
N PHE A 62 18.78 -26.17 -13.02
CA PHE A 62 19.84 -25.18 -13.08
C PHE A 62 19.19 -23.80 -13.25
N ASN A 63 19.98 -22.82 -13.66
CA ASN A 63 19.49 -21.46 -13.94
C ASN A 63 18.23 -21.50 -14.78
N SER A 64 17.13 -21.00 -14.22
CA SER A 64 15.83 -20.94 -14.92
C SER A 64 15.77 -19.65 -15.74
N GLN A 65 16.43 -19.70 -16.90
CA GLN A 65 16.66 -18.51 -17.71
C GLN A 65 15.39 -17.76 -18.05
N MET A 66 14.23 -18.39 -17.91
CA MET A 66 12.97 -17.73 -18.22
C MET A 66 12.39 -16.97 -17.03
N ARG A 67 13.19 -16.68 -16.01
CA ARG A 67 12.66 -16.15 -14.76
C ARG A 67 13.49 -14.96 -14.31
N SER A 68 12.94 -13.76 -14.45
CA SER A 68 13.49 -12.53 -13.88
C SER A 68 12.39 -11.86 -13.03
N GLU A 69 12.70 -10.69 -12.48
CA GLU A 69 11.69 -9.95 -11.76
C GLU A 69 10.72 -9.32 -12.77
N ALA A 70 9.52 -9.00 -12.28
CA ALA A 70 8.34 -8.65 -13.07
C ALA A 70 7.78 -9.91 -13.69
N LYS A 71 8.50 -11.01 -13.53
CA LYS A 71 7.96 -12.36 -13.68
C LYS A 71 8.18 -13.20 -12.44
N ARG A 72 9.14 -12.82 -11.58
CA ARG A 72 9.24 -13.38 -10.24
C ARG A 72 8.21 -12.82 -9.29
N LEU A 73 7.48 -11.77 -9.70
CA LEU A 73 6.41 -11.19 -8.89
C LEU A 73 5.05 -11.74 -9.27
N LYS A 74 4.82 -11.95 -10.57
CA LYS A 74 3.53 -12.47 -11.03
C LYS A 74 3.25 -13.86 -10.49
N THR A 75 4.28 -14.59 -10.07
CA THR A 75 4.07 -15.94 -9.56
C THR A 75 3.45 -15.95 -8.16
N PHE A 76 3.26 -14.79 -7.55
CA PHE A 76 2.71 -14.68 -6.20
C PHE A 76 1.22 -14.40 -6.19
N GLU A 77 0.56 -14.43 -7.34
CA GLU A 77 -0.90 -14.34 -7.36
C GLU A 77 -1.55 -15.60 -6.81
N THR A 78 -0.80 -16.69 -6.66
CA THR A 78 -1.28 -17.92 -6.03
C THR A 78 -0.73 -18.07 -4.62
N TYR A 79 -0.34 -16.95 -4.00
CA TYR A 79 0.26 -16.93 -2.68
C TYR A 79 -0.76 -16.36 -1.69
N ASP A 80 -0.86 -16.99 -0.52
CA ASP A 80 -1.77 -16.51 0.49
C ASP A 80 -1.32 -15.16 1.03
N THR A 81 -2.29 -14.38 1.53
CA THR A 81 -2.05 -13.02 1.96
C THR A 81 -1.82 -12.92 3.46
N PHE A 82 -1.25 -13.95 4.06
CA PHE A 82 -1.01 -13.98 5.52
C PHE A 82 0.34 -14.64 5.76
N ARG A 83 1.39 -13.81 5.84
CA ARG A 83 2.73 -14.27 6.19
C ARG A 83 3.62 -13.04 6.30
N SER A 84 4.82 -13.24 6.83
CA SER A 84 5.68 -12.11 7.17
C SER A 84 6.29 -11.48 5.92
N TRP A 85 7.06 -12.25 5.16
CA TRP A 85 7.75 -11.70 4.01
C TRP A 85 6.78 -11.30 2.93
N THR A 86 7.17 -10.36 2.14
CA THR A 86 6.30 -9.85 1.09
C THR A 86 6.75 -10.34 -0.28
N PRO A 87 5.82 -10.49 -1.23
CA PRO A 87 6.23 -10.83 -2.60
C PRO A 87 7.18 -9.82 -3.22
N GLN A 88 7.03 -8.53 -2.92
CA GLN A 88 7.95 -7.54 -3.47
C GLN A 88 9.36 -7.78 -2.97
N GLU A 89 9.52 -7.95 -1.65
CA GLU A 89 10.86 -8.12 -1.08
C GLU A 89 11.45 -9.47 -1.46
N MET A 90 10.64 -10.52 -1.46
CA MET A 90 11.13 -11.84 -1.83
C MET A 90 11.53 -11.90 -3.29
N ALA A 91 10.73 -11.26 -4.17
CA ALA A 91 11.07 -11.23 -5.59
C ALA A 91 12.31 -10.38 -5.84
N ALA A 92 12.47 -9.29 -5.09
CA ALA A 92 13.68 -8.49 -5.21
C ALA A 92 14.93 -9.25 -4.76
N ALA A 93 14.76 -10.37 -4.07
CA ALA A 93 15.86 -11.23 -3.69
C ALA A 93 16.17 -12.28 -4.73
N GLY A 94 15.58 -12.18 -5.92
CA GLY A 94 15.73 -13.20 -6.93
C GLY A 94 15.08 -14.52 -6.56
N PHE A 95 13.86 -14.47 -6.03
CA PHE A 95 13.11 -15.66 -5.68
C PHE A 95 11.79 -15.68 -6.44
N TYR A 96 11.30 -16.90 -6.73
CA TYR A 96 10.02 -17.08 -7.37
C TYR A 96 9.28 -18.23 -6.74
N HIS A 97 7.95 -18.18 -6.81
CA HIS A 97 7.06 -19.10 -6.12
C HIS A 97 6.75 -20.28 -7.03
N THR A 98 7.35 -21.43 -6.75
CA THR A 98 7.11 -22.61 -7.56
C THR A 98 5.71 -23.17 -7.35
N GLY A 99 5.29 -23.29 -6.10
CA GLY A 99 4.01 -23.89 -5.79
C GLY A 99 4.05 -25.33 -5.32
N VAL A 100 5.21 -25.82 -4.88
CA VAL A 100 5.33 -27.22 -4.51
C VAL A 100 4.41 -27.51 -3.32
N ARG A 101 4.72 -26.92 -2.17
CA ARG A 101 3.74 -26.82 -1.09
C ARG A 101 3.47 -25.37 -0.71
N LEU A 102 4.49 -24.64 -0.25
CA LEU A 102 4.32 -23.24 0.10
C LEU A 102 5.54 -22.38 -0.24
N GLY A 103 6.63 -22.97 -0.73
CA GLY A 103 7.91 -22.32 -0.73
C GLY A 103 8.28 -21.66 -2.06
N VAL A 104 9.44 -21.01 -2.04
CA VAL A 104 9.98 -20.29 -3.18
C VAL A 104 11.43 -20.70 -3.36
N GLN A 105 11.93 -20.54 -4.59
CA GLN A 105 13.33 -20.86 -4.86
C GLN A 105 13.95 -19.75 -5.70
N CYS A 106 15.27 -19.67 -5.63
CA CYS A 106 16.02 -18.68 -6.40
C CYS A 106 16.16 -19.14 -7.85
N PHE A 107 16.51 -18.19 -8.71
CA PHE A 107 16.59 -18.45 -10.14
C PHE A 107 18.01 -18.75 -10.62
N CYS A 108 19.04 -18.36 -9.88
CA CYS A 108 20.41 -18.67 -10.22
C CYS A 108 21.03 -19.72 -9.32
N CYS A 109 20.70 -19.72 -8.03
CA CYS A 109 21.18 -20.69 -7.06
C CYS A 109 19.95 -21.29 -6.40
N SER A 110 19.42 -22.36 -7.00
CA SER A 110 18.15 -22.93 -6.55
C SER A 110 18.23 -23.32 -5.08
N LEU A 111 17.29 -22.81 -4.29
CA LEU A 111 17.30 -22.99 -2.85
C LEU A 111 15.91 -23.39 -2.39
N ILE A 112 15.84 -24.42 -1.55
CA ILE A 112 14.56 -24.88 -1.00
C ILE A 112 14.34 -24.08 0.28
N LEU A 113 13.76 -22.90 0.10
CA LEU A 113 13.46 -21.99 1.21
C LEU A 113 11.96 -22.03 1.45
N PHE A 114 11.56 -22.69 2.54
CA PHE A 114 10.15 -22.84 2.89
C PHE A 114 9.78 -22.04 4.13
N GLY A 115 10.51 -22.22 5.23
CA GLY A 115 10.25 -21.44 6.43
C GLY A 115 10.50 -19.97 6.16
N ASN A 116 9.60 -19.11 6.66
CA ASN A 116 9.66 -17.67 6.44
C ASN A 116 9.58 -16.98 7.80
N SER A 117 10.73 -16.55 8.32
CA SER A 117 10.83 -15.95 9.64
C SER A 117 10.52 -14.46 9.55
N LEU A 118 10.78 -13.74 10.64
CA LEU A 118 10.51 -12.31 10.73
C LEU A 118 11.74 -11.49 11.07
N ARG A 119 12.63 -11.99 11.93
CA ARG A 119 13.80 -11.24 12.33
C ARG A 119 14.84 -11.11 11.21
N LYS A 120 14.76 -11.94 10.18
CA LYS A 120 15.75 -11.95 9.11
C LYS A 120 15.06 -11.76 7.76
N LEU A 121 15.57 -10.85 6.96
CA LEU A 121 15.02 -10.58 5.64
C LEU A 121 15.46 -11.65 4.65
N PRO A 122 14.76 -11.78 3.52
CA PRO A 122 15.15 -12.82 2.55
C PRO A 122 16.57 -12.69 2.01
N ILE A 123 17.08 -11.47 1.85
CA ILE A 123 18.47 -11.29 1.44
C ILE A 123 19.40 -11.95 2.44
N GLU A 124 19.14 -11.76 3.74
CA GLU A 124 19.99 -12.33 4.76
C GLU A 124 19.98 -13.86 4.70
N ARG A 125 18.81 -14.46 4.52
CA ARG A 125 18.72 -15.91 4.43
C ARG A 125 19.45 -16.43 3.19
N HIS A 126 19.24 -15.77 2.06
CA HIS A 126 19.90 -16.20 0.82
C HIS A 126 21.40 -16.13 0.96
N LYS A 127 21.91 -15.06 1.58
CA LYS A 127 23.36 -14.95 1.77
C LYS A 127 23.86 -15.96 2.79
N LYS A 128 23.06 -16.27 3.81
CA LYS A 128 23.54 -17.15 4.88
C LYS A 128 23.58 -18.60 4.42
N LEU A 129 22.61 -19.03 3.60
CA LEU A 129 22.54 -20.44 3.25
C LEU A 129 23.52 -20.81 2.14
N ARG A 130 23.38 -20.21 0.96
CA ARG A 130 24.22 -20.51 -0.19
C ARG A 130 24.81 -19.22 -0.72
N PRO A 131 25.96 -18.80 -0.19
CA PRO A 131 26.48 -17.47 -0.51
C PRO A 131 27.27 -17.40 -1.81
N GLU A 132 27.18 -18.39 -2.68
CA GLU A 132 28.01 -18.45 -3.88
C GLU A 132 27.22 -18.17 -5.16
N CYS A 133 26.31 -17.20 -5.13
CA CYS A 133 25.60 -16.81 -6.33
C CYS A 133 25.37 -15.31 -6.48
N GLU A 134 25.89 -14.47 -5.58
CA GLU A 134 25.60 -13.04 -5.57
C GLU A 134 26.82 -12.17 -5.81
N PHE A 135 27.85 -12.68 -6.48
CA PHE A 135 29.01 -11.87 -6.86
C PHE A 135 28.92 -11.38 -8.28
N LEU A 136 27.71 -11.06 -8.75
CA LEU A 136 27.46 -10.58 -10.11
C LEU A 136 28.12 -11.45 -11.17
N GLN A 137 28.29 -12.73 -10.85
CA GLN A 137 28.87 -13.68 -11.79
C GLN A 137 28.03 -13.82 -13.06
N GLY A 138 26.77 -13.39 -13.00
CA GLY A 138 25.88 -13.40 -14.14
C GLY A 138 24.51 -13.93 -13.77
N LYS A 139 23.49 -13.08 -13.97
CA LYS A 139 22.12 -13.38 -13.58
C LYS A 139 21.20 -12.57 -14.48
N ASP A 140 20.21 -13.23 -15.07
CA ASP A 140 19.31 -12.53 -15.98
C ASP A 140 18.34 -11.69 -15.16
N VAL A 141 18.86 -10.70 -14.46
CA VAL A 141 18.04 -9.86 -13.59
C VAL A 141 17.47 -8.73 -14.43
N GLY A 142 16.14 -8.70 -14.53
CA GLY A 142 15.43 -7.59 -15.14
C GLY A 142 14.70 -6.81 -14.07
N ASN A 143 14.95 -5.50 -14.04
CA ASN A 143 14.24 -4.61 -13.12
C ASN A 143 12.86 -4.31 -13.70
N ILE A 144 12.21 -3.27 -13.20
CA ILE A 144 11.00 -2.73 -13.83
C ILE A 144 11.20 -2.71 -15.35
N GLY A 145 12.40 -2.32 -15.78
CA GLY A 145 12.91 -2.70 -17.09
C GLY A 145 12.06 -2.39 -18.30
N LYS A 146 11.98 -1.13 -18.73
CA LYS A 146 11.02 -0.80 -19.79
C LYS A 146 11.36 -1.45 -21.15
N TYR A 147 12.35 -2.34 -21.19
CA TYR A 147 12.64 -3.27 -22.27
C TYR A 147 13.38 -2.55 -23.40
N ASP A 148 13.60 -1.24 -23.29
CA ASP A 148 14.22 -0.48 -24.37
C ASP A 148 15.30 0.46 -23.91
N ILE A 149 15.39 0.80 -22.61
CA ILE A 149 16.19 1.91 -22.09
C ILE A 149 17.58 1.96 -22.71
N ARG A 150 18.11 0.80 -23.10
CA ARG A 150 19.35 0.77 -23.85
C ARG A 150 19.11 1.42 -25.19
N VAL A 151 19.58 2.65 -25.35
CA VAL A 151 19.42 3.39 -26.60
C VAL A 151 20.79 3.76 -27.11
N LYS A 152 21.82 3.46 -26.30
CA LYS A 152 23.18 3.87 -26.62
C LYS A 152 23.58 3.43 -28.02
N ARG A 153 24.40 4.26 -28.66
CA ARG A 153 24.92 4.06 -30.01
C ARG A 153 23.83 3.97 -31.06
N PRO A 154 22.90 4.95 -31.15
CA PRO A 154 22.01 4.97 -32.32
C PRO A 154 22.77 5.13 -33.62
N GLU A 155 23.85 5.93 -33.60
CA GLU A 155 24.77 6.03 -34.72
C GLU A 155 26.22 6.12 -34.22
N LYS A 156 26.47 5.82 -32.96
CA LYS A 156 27.78 6.02 -32.34
C LYS A 156 28.68 4.82 -32.62
N MET A 157 29.80 4.76 -31.90
CA MET A 157 30.84 3.78 -32.17
C MET A 157 30.36 2.39 -31.78
N LEU A 158 30.02 1.58 -32.77
CA LEU A 158 29.87 0.15 -32.58
C LEU A 158 31.24 -0.52 -32.69
N ARG A 159 31.29 -1.80 -32.36
CA ARG A 159 32.58 -2.51 -32.48
C ARG A 159 32.92 -2.76 -33.94
N GLY A 160 33.26 -1.69 -34.65
CA GLY A 160 33.61 -1.75 -36.05
C GLY A 160 32.44 -1.92 -36.99
N GLY A 161 31.21 -1.81 -36.51
CA GLY A 161 30.05 -2.08 -37.33
C GLY A 161 30.05 -3.52 -37.81
N LYS A 162 29.87 -4.46 -36.87
CA LYS A 162 30.02 -5.87 -37.20
C LYS A 162 29.01 -6.33 -38.24
N ALA A 163 27.92 -5.59 -38.41
CA ALA A 163 27.00 -5.87 -39.51
C ALA A 163 27.60 -5.50 -40.86
N ARG A 164 28.73 -4.81 -40.87
CA ARG A 164 29.42 -4.31 -42.05
C ARG A 164 28.56 -3.33 -42.84
N TYR A 165 27.45 -2.89 -42.26
CA TYR A 165 26.50 -1.91 -42.81
C TYR A 165 25.73 -2.50 -43.98
N HIS A 166 26.16 -3.67 -44.46
CA HIS A 166 25.44 -4.38 -45.51
C HIS A 166 25.12 -5.81 -45.13
N GLU A 167 26.10 -6.52 -44.61
CA GLU A 167 26.13 -7.97 -44.69
C GLU A 167 25.30 -8.59 -43.57
N GLU A 168 24.83 -9.82 -43.81
CA GLU A 168 23.90 -10.53 -42.95
C GLU A 168 24.54 -11.69 -42.21
N GLU A 169 25.37 -12.48 -42.91
CA GLU A 169 26.11 -13.54 -42.23
C GLU A 169 27.10 -12.96 -41.23
N ALA A 170 27.55 -11.72 -41.45
CA ALA A 170 28.35 -11.05 -40.43
C ALA A 170 27.55 -10.89 -39.15
N ARG A 171 26.27 -10.52 -39.26
CA ARG A 171 25.40 -10.46 -38.11
C ARG A 171 25.24 -11.85 -37.49
N LEU A 172 25.19 -12.89 -38.32
CA LEU A 172 25.16 -14.25 -37.77
C LEU A 172 26.40 -14.53 -36.92
N GLU A 173 27.58 -14.21 -37.44
CA GLU A 173 28.82 -14.58 -36.79
C GLU A 173 29.23 -13.61 -35.69
N SER A 174 28.54 -12.51 -35.53
CA SER A 174 28.95 -11.60 -34.45
C SER A 174 28.51 -12.07 -33.05
N PHE A 175 28.09 -13.30 -32.81
CA PHE A 175 27.52 -13.70 -31.52
C PHE A 175 28.34 -14.78 -30.81
N GLU A 176 29.66 -14.70 -30.84
CA GLU A 176 30.47 -15.66 -30.08
C GLU A 176 30.17 -15.57 -28.59
N ASP A 177 30.23 -14.36 -28.03
CA ASP A 177 30.10 -14.17 -26.59
C ASP A 177 28.66 -13.90 -26.18
N TRP A 178 27.70 -14.42 -26.93
CA TRP A 178 26.31 -14.30 -26.55
C TRP A 178 26.10 -15.00 -25.21
N PRO A 179 25.67 -14.30 -24.18
CA PRO A 179 25.69 -14.88 -22.83
C PRO A 179 24.65 -15.99 -22.69
N PHE A 180 24.72 -16.66 -21.54
CA PHE A 180 23.84 -17.78 -21.24
C PHE A 180 22.53 -17.34 -20.59
N TYR A 181 22.30 -16.04 -20.43
CA TYR A 181 21.00 -15.57 -19.98
C TYR A 181 19.93 -16.03 -20.97
N ALA A 182 20.14 -15.69 -22.23
CA ALA A 182 19.18 -16.07 -23.26
C ALA A 182 19.51 -17.46 -23.75
N HIS A 183 19.97 -17.59 -24.99
CA HIS A 183 20.22 -18.91 -25.61
C HIS A 183 18.92 -19.62 -25.92
N GLY A 184 17.89 -19.45 -25.09
CA GLY A 184 16.59 -19.99 -25.40
C GLY A 184 16.25 -19.23 -26.66
N THR A 185 16.61 -17.95 -26.70
CA THR A 185 16.43 -17.21 -27.93
C THR A 185 17.57 -17.57 -28.88
N SER A 186 17.22 -18.09 -30.04
CA SER A 186 18.25 -18.54 -30.98
C SER A 186 18.94 -17.34 -31.62
N PRO A 187 20.28 -17.31 -31.64
CA PRO A 187 20.98 -16.21 -32.32
C PRO A 187 20.63 -16.09 -33.79
N ARG A 188 20.27 -17.20 -34.44
CA ARG A 188 19.92 -17.15 -35.85
C ARG A 188 18.71 -16.25 -36.10
N VAL A 189 17.68 -16.39 -35.28
CA VAL A 189 16.45 -15.63 -35.48
C VAL A 189 16.70 -14.15 -35.17
N LEU A 190 17.47 -13.88 -34.12
CA LEU A 190 17.87 -12.50 -33.82
C LEU A 190 18.61 -11.88 -35.00
N SER A 191 19.57 -12.62 -35.56
CA SER A 191 20.38 -12.08 -36.64
C SER A 191 19.60 -11.94 -37.94
N ALA A 192 18.55 -12.72 -38.11
CA ALA A 192 17.75 -12.64 -39.32
C ALA A 192 17.02 -11.31 -39.47
N ALA A 193 16.95 -10.51 -38.41
CA ALA A 193 16.24 -9.23 -38.44
C ALA A 193 17.19 -8.04 -38.36
N GLY A 194 18.40 -8.20 -38.89
CA GLY A 194 19.35 -7.10 -38.89
C GLY A 194 19.86 -6.69 -37.53
N PHE A 195 20.19 -7.65 -36.67
CA PHE A 195 20.62 -7.38 -35.30
C PHE A 195 22.07 -7.83 -35.11
N VAL A 196 22.79 -7.11 -34.26
CA VAL A 196 24.19 -7.39 -33.97
C VAL A 196 24.44 -7.13 -32.49
N PHE A 197 25.24 -7.98 -31.87
CA PHE A 197 25.48 -7.93 -30.43
C PHE A 197 26.48 -6.83 -30.11
N THR A 198 26.04 -5.80 -29.39
CA THR A 198 26.89 -4.65 -29.16
C THR A 198 28.02 -4.98 -28.20
N GLY A 199 27.83 -5.97 -27.33
CA GLY A 199 28.93 -6.44 -26.52
C GLY A 199 28.68 -6.54 -25.03
N LYS A 200 27.66 -5.85 -24.52
CA LYS A 200 27.46 -5.76 -23.07
C LYS A 200 26.05 -6.20 -22.71
N ARG A 201 25.96 -7.21 -21.84
CA ARG A 201 24.73 -7.57 -21.13
C ARG A 201 23.55 -7.74 -22.08
N ASP A 202 23.68 -8.76 -22.93
CA ASP A 202 22.63 -9.31 -23.78
C ASP A 202 21.68 -8.25 -24.36
N THR A 203 22.21 -7.11 -24.78
CA THR A 203 21.46 -6.15 -25.55
C THR A 203 22.00 -6.10 -26.98
N VAL A 204 21.10 -5.95 -27.93
CA VAL A 204 21.41 -6.12 -29.34
C VAL A 204 20.94 -4.90 -30.12
N GLN A 205 21.75 -4.46 -31.07
CA GLN A 205 21.49 -3.25 -31.83
C GLN A 205 21.19 -3.59 -33.29
N CYS A 206 20.18 -2.94 -33.85
CA CYS A 206 19.83 -3.13 -35.25
C CYS A 206 20.28 -1.91 -36.04
N PHE A 207 21.00 -2.18 -37.14
CA PHE A 207 21.60 -1.17 -37.99
C PHE A 207 20.58 -0.63 -38.98
N SER A 208 20.96 0.47 -39.63
CA SER A 208 20.18 1.18 -40.64
C SER A 208 19.00 1.88 -39.98
N CYS A 209 18.78 1.59 -38.71
CA CYS A 209 17.90 2.35 -37.84
C CYS A 209 18.44 2.48 -36.42
N GLY A 210 19.49 1.73 -36.06
CA GLY A 210 20.22 1.95 -34.82
C GLY A 210 19.42 1.81 -33.55
N GLY A 211 18.66 0.72 -33.42
CA GLY A 211 17.79 0.52 -32.26
C GLY A 211 18.28 -0.62 -31.39
N SER A 212 18.38 -0.37 -30.10
CA SER A 212 18.90 -1.35 -29.16
C SER A 212 17.79 -1.91 -28.31
N LEU A 213 17.66 -3.24 -28.29
CA LEU A 213 16.70 -3.96 -27.46
C LEU A 213 17.43 -4.95 -26.57
N GLY A 214 16.97 -5.05 -25.32
CA GLY A 214 17.56 -5.96 -24.37
C GLY A 214 16.50 -6.71 -23.59
N ASN A 215 16.94 -7.42 -22.56
CA ASN A 215 16.06 -8.21 -21.69
C ASN A 215 15.25 -9.21 -22.49
N TRP A 216 15.89 -9.86 -23.47
CA TRP A 216 15.20 -10.86 -24.27
C TRP A 216 14.80 -12.04 -23.40
N GLU A 217 13.58 -12.53 -23.61
CA GLU A 217 13.05 -13.63 -22.82
C GLU A 217 12.63 -14.77 -23.75
N GLU A 218 12.24 -15.89 -23.15
CA GLU A 218 11.78 -17.05 -23.90
C GLU A 218 10.55 -16.70 -24.73
N GLY A 219 10.57 -17.11 -25.99
CA GLY A 219 9.40 -17.01 -26.85
C GLY A 219 9.18 -15.66 -27.48
N ASP A 220 10.03 -14.68 -27.21
CA ASP A 220 9.88 -13.35 -27.80
C ASP A 220 10.47 -13.38 -29.20
N ASP A 221 9.59 -13.36 -30.20
CA ASP A 221 10.03 -13.39 -31.59
C ASP A 221 10.56 -12.02 -31.98
N PRO A 222 11.82 -11.88 -32.39
CA PRO A 222 12.37 -10.58 -32.81
C PRO A 222 11.96 -10.17 -34.22
N TRP A 223 10.72 -10.36 -34.54
CA TRP A 223 10.11 -9.78 -35.72
C TRP A 223 8.86 -8.98 -35.37
N LYS A 224 8.10 -9.44 -34.37
CA LYS A 224 7.05 -8.61 -33.81
C LYS A 224 7.63 -7.37 -33.14
N GLU A 225 8.73 -7.54 -32.41
CA GLU A 225 9.25 -6.46 -31.59
C GLU A 225 9.95 -5.40 -32.43
N HIS A 226 10.70 -5.82 -33.45
CA HIS A 226 11.33 -4.86 -34.34
C HIS A 226 10.28 -4.01 -35.05
N ALA A 227 9.09 -4.57 -35.28
CA ALA A 227 8.00 -3.78 -35.83
C ALA A 227 7.37 -2.87 -34.77
N LYS A 228 7.26 -3.37 -33.54
CA LYS A 228 6.57 -2.61 -32.50
C LYS A 228 7.36 -1.37 -32.12
N TRP A 229 8.65 -1.51 -31.86
CA TRP A 229 9.41 -0.42 -31.27
C TRP A 229 9.99 0.55 -32.30
N PHE A 230 10.23 0.10 -33.53
CA PHE A 230 10.67 1.00 -34.60
C PHE A 230 9.95 0.63 -35.89
N PRO A 231 8.74 1.16 -36.08
CA PRO A 231 8.11 1.04 -37.41
C PRO A 231 8.91 1.70 -38.50
N LYS A 232 9.63 2.77 -38.18
CA LYS A 232 10.43 3.50 -39.17
C LYS A 232 11.87 3.02 -39.17
N CYS A 233 12.05 1.71 -39.38
CA CYS A 233 13.36 1.11 -39.57
C CYS A 233 13.45 0.67 -41.02
N GLU A 234 14.39 1.27 -41.77
CA GLU A 234 14.44 1.07 -43.21
C GLU A 234 14.54 -0.41 -43.57
N PHE A 235 15.34 -1.17 -42.82
CA PHE A 235 15.48 -2.59 -43.10
C PHE A 235 14.16 -3.31 -42.99
N LEU A 236 13.36 -2.96 -41.97
CA LEU A 236 12.06 -3.59 -41.78
C LEU A 236 11.16 -3.37 -42.99
N GLN A 237 11.08 -2.13 -43.46
CA GLN A 237 10.25 -1.85 -44.63
C GLN A 237 10.82 -2.52 -45.87
N SER A 238 12.13 -2.70 -45.92
CA SER A 238 12.75 -3.39 -47.06
C SER A 238 12.33 -4.85 -47.10
N LYS A 239 12.30 -5.52 -45.95
CA LYS A 239 12.01 -6.95 -45.95
C LYS A 239 10.52 -7.24 -45.80
N LYS A 240 9.92 -6.81 -44.68
CA LYS A 240 8.53 -7.15 -44.40
C LYS A 240 7.60 -6.07 -44.93
N SER A 241 6.43 -6.51 -45.40
CA SER A 241 5.47 -5.61 -46.02
C SER A 241 4.76 -4.77 -44.96
N SER A 242 4.12 -3.68 -45.40
CA SER A 242 3.46 -2.78 -44.45
C SER A 242 2.14 -3.33 -43.96
N GLU A 243 1.92 -4.62 -44.13
CA GLU A 243 0.68 -5.23 -43.69
C GLU A 243 0.89 -6.04 -42.43
N GLU A 244 1.96 -6.83 -42.41
CA GLU A 244 2.24 -7.66 -41.24
C GLU A 244 2.67 -6.86 -40.03
N ILE A 245 3.10 -5.62 -40.24
CA ILE A 245 3.60 -4.83 -39.12
C ILE A 245 2.45 -4.41 -38.22
N ALA A 246 1.29 -4.13 -38.81
CA ALA A 246 0.12 -3.81 -38.00
C ALA A 246 -0.31 -5.01 -37.16
N GLN A 247 -0.20 -6.21 -37.72
CA GLN A 247 -0.44 -7.41 -36.93
C GLN A 247 0.59 -7.55 -35.81
N TYR A 248 1.84 -7.20 -36.11
CA TYR A 248 2.89 -7.26 -35.09
C TYR A 248 2.69 -6.21 -34.00
N ILE A 249 1.91 -5.16 -34.27
CA ILE A 249 1.70 -4.11 -33.29
C ILE A 249 1.03 -4.65 -32.02
N GLN A 250 0.27 -5.74 -32.14
CA GLN A 250 -0.53 -6.27 -31.04
C GLN A 250 0.40 -6.73 -29.92
N SER A 251 0.48 -5.94 -28.86
CA SER A 251 1.36 -6.20 -27.73
C SER A 251 0.71 -5.60 -26.49
N TYR A 252 1.49 -5.43 -25.42
CA TYR A 252 0.97 -4.94 -24.15
C TYR A 252 1.10 -3.43 -23.97
N GLU A 253 2.16 -2.80 -24.44
CA GLU A 253 2.25 -1.35 -24.38
C GLU A 253 1.24 -0.73 -25.36
N GLY A 254 0.69 0.41 -24.96
CA GLY A 254 -0.41 0.97 -25.72
C GLY A 254 -0.04 1.57 -27.06
N PHE A 255 0.63 2.72 -27.05
CA PHE A 255 0.92 3.50 -28.26
C PHE A 255 2.38 3.94 -28.31
N VAL A 256 3.28 3.21 -27.66
CA VAL A 256 4.65 3.68 -27.43
C VAL A 256 5.44 3.55 -28.72
N HIS A 257 6.58 4.20 -28.80
CA HIS A 257 7.40 4.29 -30.00
C HIS A 257 8.87 4.31 -29.57
N VAL A 258 9.74 4.80 -30.44
CA VAL A 258 11.14 4.99 -30.08
C VAL A 258 11.27 6.15 -29.11
N THR A 259 11.41 5.81 -27.83
CA THR A 259 11.42 6.78 -26.74
C THR A 259 12.68 6.61 -25.90
N GLY A 260 13.81 6.53 -26.60
CA GLY A 260 15.10 6.63 -25.94
C GLY A 260 15.55 8.04 -25.65
N GLU A 261 14.82 9.03 -26.16
CA GLU A 261 15.05 10.44 -25.83
C GLU A 261 13.87 10.92 -24.99
N HIS A 262 14.15 11.31 -23.76
CA HIS A 262 13.12 11.74 -22.82
C HIS A 262 13.79 12.38 -21.61
N PHE A 263 13.19 13.46 -21.12
CA PHE A 263 13.83 14.32 -20.12
C PHE A 263 13.84 13.73 -18.74
N VAL A 264 13.53 12.45 -18.57
CA VAL A 264 13.56 11.81 -17.26
C VAL A 264 14.69 10.78 -17.16
N LYS A 265 15.28 10.38 -18.28
CA LYS A 265 16.24 9.28 -18.32
C LYS A 265 17.35 9.45 -17.31
N SER A 266 17.80 8.31 -16.78
CA SER A 266 19.01 8.23 -15.96
C SER A 266 19.50 6.80 -16.03
N TRP A 267 20.67 6.60 -16.63
CA TRP A 267 21.17 5.25 -16.83
C TRP A 267 21.43 4.57 -15.50
N VAL A 268 21.02 3.31 -15.40
CA VAL A 268 21.11 2.54 -14.18
C VAL A 268 21.99 1.33 -14.43
N ARG A 269 22.53 0.76 -13.35
CA ARG A 269 23.42 -0.39 -13.46
C ARG A 269 22.59 -1.68 -13.52
N ARG A 270 23.27 -2.81 -13.32
CA ARG A 270 22.75 -4.18 -13.43
C ARG A 270 21.67 -4.51 -12.39
N GLU A 271 21.24 -3.56 -11.56
CA GLU A 271 20.28 -3.78 -10.48
C GLU A 271 20.56 -5.09 -9.74
N LEU A 272 21.73 -5.12 -9.11
CA LEU A 272 22.14 -6.28 -8.33
C LEU A 272 21.16 -6.50 -7.18
N PRO A 273 20.93 -7.76 -6.79
CA PRO A 273 19.94 -8.04 -5.73
C PRO A 273 20.27 -7.44 -4.38
N MET A 274 21.49 -6.94 -4.17
CA MET A 274 21.78 -6.20 -2.95
C MET A 274 20.98 -4.91 -2.87
N VAL A 275 20.37 -4.47 -3.97
CA VAL A 275 19.45 -3.35 -3.96
C VAL A 275 18.15 -3.86 -3.34
N SER A 276 17.94 -3.56 -2.05
CA SER A 276 16.73 -4.03 -1.38
C SER A 276 15.48 -3.44 -2.01
N ALA A 277 15.51 -2.15 -2.30
CA ALA A 277 14.37 -1.44 -2.86
C ALA A 277 14.92 -0.19 -3.55
N TYR A 278 14.04 0.76 -3.87
CA TYR A 278 14.45 1.98 -4.51
C TYR A 278 15.45 2.74 -3.64
N CYS A 279 16.03 3.79 -4.21
CA CYS A 279 17.00 4.68 -3.55
C CYS A 279 18.33 3.96 -3.31
N ASN A 280 18.82 3.27 -4.33
CA ASN A 280 20.17 2.71 -4.33
C ASN A 280 20.81 2.87 -5.71
N ASP A 281 20.70 4.07 -6.29
CA ASP A 281 21.31 4.33 -7.59
C ASP A 281 22.42 5.36 -7.55
N SER A 282 22.73 5.92 -6.38
CA SER A 282 23.92 6.74 -6.16
C SER A 282 23.96 8.00 -7.01
N VAL A 283 22.91 8.21 -7.81
CA VAL A 283 22.71 9.46 -8.52
C VAL A 283 21.42 10.14 -8.09
N PHE A 284 20.36 9.36 -7.90
CA PHE A 284 19.16 9.87 -7.26
C PHE A 284 19.43 10.37 -5.85
N ALA A 285 20.19 9.59 -5.08
CA ALA A 285 20.46 9.99 -3.70
C ALA A 285 21.30 11.25 -3.63
N ASN A 286 22.08 11.53 -4.68
CA ASN A 286 22.90 12.73 -4.67
C ASN A 286 22.05 13.99 -4.86
N GLU A 287 21.10 13.95 -5.80
CA GLU A 287 20.24 15.11 -6.01
C GLU A 287 19.15 15.22 -4.95
N GLU A 288 19.00 14.19 -4.12
CA GLU A 288 18.12 14.28 -2.95
C GLU A 288 18.48 15.48 -2.10
N LEU A 289 19.76 15.59 -1.73
CA LEU A 289 20.21 16.57 -0.74
C LEU A 289 20.86 17.79 -1.37
N ARG A 290 20.41 18.18 -2.56
CA ARG A 290 20.79 19.45 -3.15
C ARG A 290 19.91 20.59 -2.67
N MET A 291 18.91 20.29 -1.85
CA MET A 291 17.94 21.29 -1.40
C MET A 291 18.41 21.99 -0.12
N ASP A 292 18.61 21.23 0.96
CA ASP A 292 18.88 21.81 2.26
C ASP A 292 20.28 21.52 2.80
N MET A 293 20.87 20.37 2.46
CA MET A 293 22.24 20.12 2.88
C MET A 293 23.20 20.78 1.90
N PHE A 294 23.00 22.06 1.64
CA PHE A 294 23.88 22.85 0.78
C PHE A 294 24.43 24.09 1.47
N LYS A 295 23.99 24.38 2.68
CA LYS A 295 24.51 25.51 3.45
C LYS A 295 25.04 25.02 4.79
N GLY A 304 32.19 19.31 1.07
CA GLY A 304 33.03 18.17 1.40
C GLY A 304 32.26 17.05 2.07
N VAL A 305 31.42 17.41 3.05
CA VAL A 305 30.64 16.40 3.76
C VAL A 305 29.59 15.80 2.83
N GLU A 306 28.99 16.63 1.97
CA GLU A 306 27.81 16.21 1.20
C GLU A 306 28.12 15.02 0.32
N ALA A 307 29.07 15.18 -0.62
CA ALA A 307 29.35 14.12 -1.58
C ALA A 307 29.82 12.85 -0.90
N LEU A 308 30.49 12.97 0.24
CA LEU A 308 30.95 11.79 0.96
C LEU A 308 29.82 11.10 1.72
N VAL A 309 28.79 11.85 2.13
CA VAL A 309 27.67 11.23 2.84
C VAL A 309 27.00 10.16 1.96
N ARG A 310 27.08 10.31 0.64
CA ARG A 310 26.61 9.24 -0.24
C ARG A 310 27.58 8.07 -0.19
N ALA A 311 27.68 7.46 0.98
CA ALA A 311 28.20 6.11 1.16
C ALA A 311 27.09 5.23 1.71
N GLY A 312 25.88 5.41 1.18
CA GLY A 312 24.71 4.71 1.67
C GLY A 312 23.74 5.58 2.45
N PHE A 313 23.51 6.80 2.00
CA PHE A 313 22.65 7.72 2.74
C PHE A 313 21.93 8.66 1.78
N PHE A 314 20.84 9.24 2.25
CA PHE A 314 20.09 10.26 1.52
C PHE A 314 19.26 11.07 2.51
N TYR A 315 18.94 12.29 2.11
CA TYR A 315 18.40 13.30 3.02
C TYR A 315 16.88 13.36 2.99
N THR A 316 16.28 13.32 4.18
CA THR A 316 14.85 13.57 4.38
C THR A 316 14.67 14.28 5.71
N GLY A 317 14.31 15.56 5.68
CA GLY A 317 13.90 16.21 6.91
C GLY A 317 14.62 17.49 7.29
N LYS A 318 15.29 17.47 8.45
CA LYS A 318 15.77 18.72 9.08
C LYS A 318 17.28 18.78 9.24
N LYS A 319 18.01 18.46 8.17
CA LYS A 319 19.43 18.75 8.03
C LYS A 319 20.33 17.86 8.89
N ASP A 320 19.76 17.12 9.83
CA ASP A 320 20.56 16.17 10.59
C ASP A 320 19.92 14.79 10.67
N ILE A 321 18.77 14.59 10.01
CA ILE A 321 18.16 13.27 9.91
C ILE A 321 18.37 12.79 8.48
N VAL A 322 19.45 12.05 8.27
CA VAL A 322 19.80 11.45 6.99
C VAL A 322 19.69 9.94 7.15
N ARG A 323 19.05 9.29 6.19
CA ARG A 323 18.63 7.91 6.34
C ARG A 323 19.36 7.00 5.37
N CYS A 324 19.84 5.87 5.88
CA CYS A 324 20.29 4.75 5.06
C CYS A 324 19.09 3.94 4.63
N PHE A 325 19.32 2.74 4.11
CA PHE A 325 18.21 1.89 3.68
C PHE A 325 17.41 1.32 4.85
N SER A 326 17.91 1.46 6.08
CA SER A 326 17.17 1.02 7.26
C SER A 326 16.79 2.19 8.15
N CYS A 327 17.79 2.96 8.63
CA CYS A 327 17.59 4.13 9.47
C CYS A 327 18.96 4.73 9.75
N GLY A 328 18.96 5.87 10.41
CA GLY A 328 20.19 6.43 10.90
C GLY A 328 20.13 7.94 11.02
N GLY A 329 21.29 8.54 11.26
CA GLY A 329 21.41 9.96 11.48
C GLY A 329 21.52 10.38 12.93
N CYS A 330 21.69 9.43 13.86
CA CYS A 330 21.72 9.73 15.30
C CYS A 330 23.11 10.21 15.73
N LEU A 331 23.54 11.30 15.11
CA LEU A 331 24.81 11.96 15.42
C LEU A 331 24.85 13.28 14.70
N GLU A 332 25.52 14.26 15.30
CA GLU A 332 25.54 15.62 14.79
C GLU A 332 26.68 15.81 13.80
N LYS A 333 26.36 16.39 12.64
CA LYS A 333 27.30 16.49 11.55
C LYS A 333 28.17 17.74 11.67
N TRP A 334 29.08 17.89 10.70
CA TRP A 334 30.02 19.01 10.54
C TRP A 334 31.13 19.00 11.59
N ALA A 335 31.21 17.97 12.42
CA ALA A 335 32.41 17.73 13.22
C ALA A 335 33.45 17.05 12.34
N GLU A 336 34.49 16.48 12.93
CA GLU A 336 35.37 15.61 12.16
C GLU A 336 34.56 14.52 11.47
N GLY A 337 33.93 13.65 12.28
CA GLY A 337 32.80 12.85 11.86
C GLY A 337 32.89 12.14 10.52
N ASP A 338 33.76 11.15 10.41
CA ASP A 338 33.75 10.31 9.22
C ASP A 338 32.39 9.66 9.06
N ASP A 339 31.87 9.67 7.83
CA ASP A 339 30.48 9.25 7.61
C ASP A 339 30.20 7.83 8.07
N PRO A 340 31.05 6.84 7.84
CA PRO A 340 30.84 5.59 8.60
C PRO A 340 31.28 5.71 10.05
N MET A 341 30.63 6.60 10.80
CA MET A 341 30.98 6.78 12.21
C MET A 341 30.33 5.69 13.03
N GLU A 342 31.08 5.16 14.02
CA GLU A 342 30.66 4.01 14.80
C GLU A 342 30.19 2.88 13.89
N ASP A 343 30.74 2.85 12.67
CA ASP A 343 30.37 1.91 11.62
C ASP A 343 28.84 1.87 11.46
N HIS A 344 28.31 2.98 10.93
CA HIS A 344 26.87 3.09 10.77
C HIS A 344 26.30 2.85 12.15
N ILE A 345 26.72 3.66 13.12
CA ILE A 345 26.25 3.54 14.52
C ILE A 345 25.84 2.14 14.96
N LYS A 346 26.79 1.35 15.47
CA LYS A 346 26.50 0.00 15.93
C LYS A 346 25.96 -0.86 14.78
N PHE A 347 26.61 -0.78 13.61
CA PHE A 347 26.24 -1.57 12.44
C PHE A 347 24.83 -1.27 11.95
N PHE A 348 24.10 -0.40 12.65
CA PHE A 348 22.67 -0.20 12.34
C PHE A 348 22.07 -1.57 12.56
N PRO A 349 21.95 -2.03 13.83
CA PRO A 349 21.46 -3.38 14.20
C PRO A 349 21.28 -4.45 13.13
N GLU A 350 22.06 -5.55 13.16
CA GLU A 350 22.03 -6.63 12.15
C GLU A 350 22.96 -6.36 10.98
N CYS A 351 23.84 -5.35 11.06
CA CYS A 351 24.95 -5.18 10.12
C CYS A 351 24.44 -5.07 8.69
N VAL A 352 23.74 -3.96 8.43
CA VAL A 352 22.97 -3.79 7.21
C VAL A 352 23.80 -4.04 5.95
N PHE A 353 23.38 -5.05 5.18
CA PHE A 353 23.86 -5.31 3.83
C PHE A 353 25.38 -5.28 3.72
N LEU A 354 26.07 -5.68 4.78
CA LEU A 354 27.53 -5.70 4.83
C LEU A 354 28.10 -4.38 4.33
N GLN A 355 27.63 -3.29 4.94
CA GLN A 355 27.93 -1.93 4.51
C GLN A 355 27.62 -1.78 3.02
N THR A 356 26.35 -2.04 2.70
CA THR A 356 25.87 -2.11 1.32
C THR A 356 26.86 -2.89 0.44
N LEU A 357 27.31 -4.03 0.96
CA LEU A 357 28.30 -4.88 0.31
C LEU A 357 29.59 -4.11 0.04
N LYS A 358 30.17 -3.59 1.12
CA LYS A 358 31.47 -2.90 1.08
C LYS A 358 31.44 -1.72 0.12
N SER A 359 30.33 -0.98 0.12
CA SER A 359 30.15 0.20 -0.72
C SER A 359 30.35 -0.13 -2.20
N ALA A 409 10.55 25.50 -30.51
CA ALA A 409 9.85 26.68 -30.03
C ALA A 409 9.62 26.59 -28.52
N ARG A 410 8.35 26.48 -28.13
CA ARG A 410 7.96 26.31 -26.73
C ARG A 410 8.35 24.94 -26.16
N SER A 411 9.06 24.11 -26.91
CA SER A 411 9.64 22.90 -26.33
C SER A 411 10.55 23.25 -25.16
N LEU A 412 11.22 24.41 -25.22
CA LEU A 412 11.98 24.86 -24.07
C LEU A 412 11.07 25.10 -22.86
N SER A 413 9.90 25.70 -23.11
CA SER A 413 8.96 25.94 -22.02
C SER A 413 8.47 24.63 -21.41
N GLU A 414 8.16 23.65 -22.25
CA GLU A 414 7.66 22.39 -21.70
C GLU A 414 8.77 21.62 -20.98
N GLN A 415 10.01 21.72 -21.46
CA GLN A 415 11.13 21.13 -20.71
C GLN A 415 11.30 21.81 -19.36
N LEU A 416 11.17 23.14 -19.34
CA LEU A 416 11.30 23.89 -18.10
C LEU A 416 10.21 23.49 -17.10
N ARG A 417 8.99 23.33 -17.58
CA ARG A 417 7.92 22.92 -16.68
C ARG A 417 8.06 21.47 -16.27
N ASP A 418 8.65 20.64 -17.14
CA ASP A 418 9.04 19.29 -16.73
C ASP A 418 10.01 19.33 -15.56
N ASN A 419 11.01 20.21 -15.65
CA ASN A 419 11.99 20.33 -14.58
C ASN A 419 11.34 20.79 -13.29
N TYR A 420 10.45 21.78 -13.36
CA TYR A 420 9.76 22.24 -12.15
C TYR A 420 8.89 21.13 -11.56
N THR A 421 8.20 20.37 -12.39
CA THR A 421 7.37 19.28 -11.88
C THR A 421 8.23 18.24 -11.18
N LYS A 422 9.37 17.88 -11.77
CA LYS A 422 10.27 16.93 -11.12
C LYS A 422 10.76 17.47 -9.78
N ALA A 423 11.14 18.75 -9.75
CA ALA A 423 11.66 19.33 -8.52
C ALA A 423 10.60 19.35 -7.43
N THR A 424 9.36 19.70 -7.78
CA THR A 424 8.31 19.79 -6.77
C THR A 424 7.73 18.44 -6.40
N PHE A 425 8.02 17.39 -7.17
CA PHE A 425 7.64 16.06 -6.75
C PHE A 425 8.72 15.36 -5.94
N ARG A 426 9.98 15.74 -6.12
CA ARG A 426 11.06 15.25 -5.26
C ARG A 426 11.19 16.01 -3.96
N HIS A 427 10.55 17.18 -3.82
CA HIS A 427 10.58 17.88 -2.55
C HIS A 427 10.00 17.00 -1.44
N MET A 428 10.38 17.26 -0.20
CA MET A 428 10.01 16.39 0.91
C MET A 428 8.49 16.37 1.15
N ASN A 429 7.77 17.32 0.57
CA ASN A 429 6.33 17.45 0.84
C ASN A 429 5.57 16.21 0.38
N LEU A 430 5.75 15.80 -0.88
CA LEU A 430 4.92 14.72 -1.42
C LEU A 430 5.23 13.36 -0.80
N PRO A 431 6.46 12.84 -0.86
CA PRO A 431 6.68 11.47 -0.38
C PRO A 431 6.61 11.35 1.13
N GLU A 432 5.40 11.33 1.67
CA GLU A 432 5.17 11.15 3.11
C GLU A 432 3.95 10.25 3.27
N VAL A 433 4.18 8.95 3.33
CA VAL A 433 3.12 7.99 3.61
C VAL A 433 3.21 7.60 5.08
N CYS A 434 2.12 7.04 5.61
CA CYS A 434 1.96 6.85 7.04
C CYS A 434 2.20 8.17 7.76
N SER A 435 1.35 9.15 7.43
CA SER A 435 1.56 10.57 7.69
C SER A 435 1.57 10.92 9.17
N SER A 436 1.54 9.94 10.07
CA SER A 436 1.76 10.21 11.48
C SER A 436 3.18 10.70 11.71
N LEU A 437 3.50 11.07 12.95
CA LEU A 437 4.81 11.63 13.24
C LEU A 437 5.91 10.60 12.99
N GLY A 438 7.07 11.10 12.57
CA GLY A 438 8.21 10.24 12.33
C GLY A 438 9.13 10.86 11.29
N THR A 439 9.84 9.98 10.57
CA THR A 439 10.76 10.37 9.50
C THR A 439 10.74 9.24 8.47
N ASP A 440 9.90 9.41 7.45
CA ASP A 440 9.56 8.31 6.55
C ASP A 440 9.98 8.62 5.11
N HIS A 441 10.81 7.74 4.56
CA HIS A 441 11.00 7.65 3.11
C HIS A 441 11.19 6.21 2.64
N LEU A 442 11.07 5.21 3.52
CA LEU A 442 11.53 3.87 3.23
C LEU A 442 10.43 2.91 2.82
N LEU A 443 9.19 3.38 2.69
CA LEU A 443 8.09 2.47 2.41
C LEU A 443 7.88 2.33 0.90
N SER A 444 7.83 1.09 0.44
CA SER A 444 7.61 0.77 -0.97
C SER A 444 6.60 -0.36 -1.16
N CYS A 445 5.97 -0.83 -0.08
CA CYS A 445 4.96 -1.87 -0.20
C CYS A 445 3.79 -1.37 -1.04
N ASP A 446 3.36 -2.18 -1.98
CA ASP A 446 2.34 -1.80 -2.95
C ASP A 446 0.97 -2.34 -2.55
N VAL A 447 -0.06 -1.83 -3.23
CA VAL A 447 -1.43 -2.23 -3.00
C VAL A 447 -1.87 -3.13 -4.15
N SER A 448 -2.52 -4.25 -3.82
CA SER A 448 -2.96 -5.18 -4.83
C SER A 448 -4.08 -4.58 -5.66
N ILE A 449 -4.04 -4.84 -6.97
CA ILE A 449 -5.02 -4.31 -7.91
C ILE A 449 -5.52 -5.45 -8.79
N ILE A 450 -6.84 -5.53 -8.95
CA ILE A 450 -7.48 -6.44 -9.90
C ILE A 450 -8.40 -5.61 -10.78
N SER A 451 -8.17 -5.65 -12.09
CA SER A 451 -8.84 -4.75 -13.03
C SER A 451 -10.02 -5.47 -13.66
N LYS A 452 -11.22 -5.08 -13.26
CA LYS A 452 -12.41 -5.55 -13.96
C LYS A 452 -12.42 -5.02 -15.39
N HIS A 453 -12.92 -5.83 -16.31
CA HIS A 453 -12.93 -5.44 -17.71
C HIS A 453 -14.31 -4.90 -18.06
N ILE A 454 -14.35 -4.13 -19.16
CA ILE A 454 -15.53 -3.33 -19.47
C ILE A 454 -16.77 -4.21 -19.67
N SER A 455 -16.63 -5.32 -20.40
CA SER A 455 -17.81 -6.02 -20.89
C SER A 455 -18.28 -7.13 -19.94
N GLN A 456 -17.45 -8.13 -19.70
CA GLN A 456 -17.87 -9.28 -18.91
C GLN A 456 -17.16 -9.33 -17.57
N PRO A 457 -17.74 -10.01 -16.57
CA PRO A 457 -17.12 -10.06 -15.25
C PRO A 457 -15.91 -10.99 -15.19
N VAL A 458 -14.75 -10.48 -15.58
CA VAL A 458 -13.49 -11.20 -15.48
C VAL A 458 -12.54 -10.40 -14.61
N GLN A 459 -11.93 -11.07 -13.62
CA GLN A 459 -11.11 -10.36 -12.65
C GLN A 459 -9.74 -10.01 -13.21
N GLU A 460 -8.93 -11.03 -13.55
CA GLU A 460 -7.64 -10.84 -14.20
C GLU A 460 -6.72 -9.96 -13.35
N ALA A 461 -6.31 -10.50 -12.21
CA ALA A 461 -5.44 -9.77 -11.29
C ALA A 461 -4.15 -9.31 -11.97
N LEU A 462 -3.75 -8.07 -11.70
CA LEU A 462 -2.50 -7.50 -12.21
C LEU A 462 -1.49 -7.34 -11.08
N THR A 463 -0.32 -6.84 -11.47
CA THR A 463 0.75 -6.50 -10.54
C THR A 463 1.22 -5.09 -10.85
N ILE A 464 1.71 -4.41 -9.81
CA ILE A 464 2.17 -3.03 -9.96
C ILE A 464 3.22 -2.86 -11.05
N PRO A 465 4.27 -3.69 -11.12
CA PRO A 465 5.27 -3.47 -12.19
C PRO A 465 4.72 -3.65 -13.58
N GLU A 466 3.58 -4.33 -13.74
CA GLU A 466 3.03 -4.58 -15.06
C GLU A 466 1.85 -3.68 -15.39
N VAL A 467 1.20 -3.11 -14.38
CA VAL A 467 0.07 -2.22 -14.63
C VAL A 467 0.53 -0.93 -15.32
N PHE A 468 1.75 -0.48 -15.01
CA PHE A 468 2.27 0.73 -15.65
C PHE A 468 2.37 0.56 -17.16
N SER A 469 2.60 -0.66 -17.63
CA SER A 469 2.81 -0.91 -19.05
C SER A 469 1.52 -0.90 -19.87
N ASN A 470 0.36 -0.84 -19.22
CA ASN A 470 -0.91 -0.86 -19.92
C ASN A 470 -1.60 0.50 -19.95
N LEU A 471 -1.00 1.53 -19.39
CA LEU A 471 -1.61 2.85 -19.38
C LEU A 471 -1.85 3.35 -20.80
N ASN A 472 -3.12 3.44 -21.21
CA ASN A 472 -3.44 3.77 -22.59
C ASN A 472 -4.32 5.01 -22.72
N SER A 473 -5.37 5.11 -21.92
CA SER A 473 -6.37 6.16 -22.09
C SER A 473 -6.92 6.51 -20.71
N VAL A 474 -8.08 7.18 -20.68
CA VAL A 474 -8.68 7.54 -19.41
C VAL A 474 -8.94 6.28 -18.59
N MET A 475 -8.40 6.27 -17.38
CA MET A 475 -8.46 5.12 -16.49
C MET A 475 -9.01 5.55 -15.14
N CYS A 476 -9.71 4.63 -14.48
CA CYS A 476 -10.23 4.88 -13.15
C CYS A 476 -9.71 3.82 -12.21
N VAL A 477 -9.45 4.20 -10.96
CA VAL A 477 -9.07 3.26 -9.92
C VAL A 477 -10.14 3.30 -8.84
N GLU A 478 -10.66 2.13 -8.50
CA GLU A 478 -11.65 2.00 -7.43
C GLU A 478 -10.92 2.03 -6.09
N GLY A 479 -11.64 1.69 -5.03
CA GLY A 479 -11.01 1.57 -3.74
C GLY A 479 -11.90 2.01 -2.61
N GLU A 480 -11.96 1.22 -1.54
CA GLU A 480 -12.68 1.63 -0.35
C GLU A 480 -12.16 2.98 0.13
N THR A 481 -13.02 3.74 0.80
CA THR A 481 -12.57 5.01 1.34
C THR A 481 -11.47 4.78 2.38
N GLY A 482 -10.39 5.56 2.27
CA GLY A 482 -9.22 5.34 3.08
C GLY A 482 -8.51 4.03 2.82
N SER A 483 -8.28 3.70 1.55
CA SER A 483 -7.64 2.44 1.19
C SER A 483 -6.38 2.59 0.33
N GLY A 484 -6.00 3.80 -0.06
CA GLY A 484 -4.73 3.97 -0.72
C GLY A 484 -4.77 4.51 -2.15
N LYS A 485 -5.69 5.44 -2.41
CA LYS A 485 -5.74 6.08 -3.72
C LYS A 485 -4.73 7.23 -3.78
N THR A 486 -4.79 8.17 -2.84
CA THR A 486 -3.85 9.29 -2.81
C THR A 486 -2.40 8.81 -2.72
N THR A 487 -2.19 7.71 -1.99
CA THR A 487 -0.85 7.19 -1.82
C THR A 487 -0.38 6.64 -3.16
N PHE A 488 -1.22 5.85 -3.81
CA PHE A 488 -0.82 5.23 -5.06
C PHE A 488 -0.51 6.29 -6.11
N LEU A 489 -1.35 7.33 -6.21
CA LEU A 489 -1.10 8.37 -7.19
C LEU A 489 0.18 9.14 -6.87
N LYS A 490 0.43 9.41 -5.59
CA LYS A 490 1.67 10.08 -5.22
C LYS A 490 2.87 9.20 -5.50
N ARG A 491 2.73 7.89 -5.30
CA ARG A 491 3.84 6.98 -5.60
C ARG A 491 4.16 6.96 -7.09
N ILE A 492 3.13 6.90 -7.95
CA ILE A 492 3.41 6.89 -9.38
C ILE A 492 4.01 8.22 -9.82
N ALA A 493 3.51 9.33 -9.29
CA ALA A 493 4.08 10.64 -9.63
C ALA A 493 5.53 10.73 -9.19
N PHE A 494 5.82 10.29 -7.96
CA PHE A 494 7.18 10.33 -7.44
C PHE A 494 8.10 9.46 -8.29
N LEU A 495 7.66 8.24 -8.60
CA LEU A 495 8.48 7.34 -9.41
C LEU A 495 8.75 7.92 -10.78
N TRP A 496 7.80 8.67 -11.35
CA TRP A 496 8.11 9.39 -12.58
C TRP A 496 9.19 10.43 -12.34
N ALA A 497 8.99 11.28 -11.33
CA ALA A 497 9.96 12.33 -11.06
C ALA A 497 11.28 11.73 -10.58
N SER A 498 11.22 10.81 -9.64
CA SER A 498 12.39 10.06 -9.21
C SER A 498 12.72 9.09 -10.32
N GLY A 499 13.41 9.60 -11.35
CA GLY A 499 13.43 8.83 -12.56
C GLY A 499 14.49 7.77 -12.51
N CYS A 500 14.07 6.60 -12.03
CA CYS A 500 14.84 5.37 -12.11
C CYS A 500 13.97 4.18 -12.43
N CYS A 501 12.65 4.28 -12.30
CA CYS A 501 11.76 3.24 -12.80
C CYS A 501 11.55 3.47 -14.29
N PRO A 502 11.95 2.53 -15.15
CA PRO A 502 12.02 2.87 -16.58
C PRO A 502 10.68 2.92 -17.29
N LEU A 503 9.70 2.15 -16.85
CA LEU A 503 8.42 2.12 -17.56
C LEU A 503 7.78 3.49 -17.64
N LEU A 504 7.97 4.32 -16.62
CA LEU A 504 7.39 5.66 -16.59
C LEU A 504 8.17 6.69 -17.38
N TYR A 505 9.28 6.31 -18.03
CA TYR A 505 9.99 7.24 -18.88
C TYR A 505 9.19 7.68 -20.10
N ARG A 506 8.13 6.95 -20.48
CA ARG A 506 7.43 7.29 -21.71
C ARG A 506 6.58 8.55 -21.57
N PHE A 507 6.28 8.98 -20.36
CA PHE A 507 5.51 10.19 -20.14
C PHE A 507 6.47 11.36 -19.96
N GLN A 508 6.33 12.37 -20.80
CA GLN A 508 7.18 13.54 -20.70
C GLN A 508 6.76 14.44 -19.55
N LEU A 509 5.52 14.30 -19.09
CA LEU A 509 4.95 15.13 -18.04
C LEU A 509 3.92 14.32 -17.27
N VAL A 510 3.93 14.42 -15.95
CA VAL A 510 2.83 13.91 -15.14
C VAL A 510 2.34 15.02 -14.23
N PHE A 511 1.05 15.00 -13.95
CA PHE A 511 0.41 16.04 -13.15
C PHE A 511 -0.47 15.39 -12.10
N TYR A 512 -0.28 15.79 -10.85
CA TYR A 512 -1.14 15.37 -9.76
C TYR A 512 -2.02 16.56 -9.38
N LEU A 513 -3.32 16.38 -9.46
CA LEU A 513 -4.29 17.43 -9.16
C LEU A 513 -5.39 16.84 -8.30
N SER A 514 -5.60 17.43 -7.13
CA SER A 514 -6.66 17.01 -6.22
C SER A 514 -7.88 17.88 -6.48
N LEU A 515 -8.90 17.29 -7.09
CA LEU A 515 -10.11 18.04 -7.44
C LEU A 515 -11.06 18.12 -6.24
N SER A 516 -10.55 18.58 -5.10
CA SER A 516 -11.34 18.65 -3.88
C SER A 516 -11.82 20.09 -3.67
N SER A 517 -12.72 20.50 -4.57
CA SER A 517 -13.45 21.77 -4.53
C SER A 517 -12.56 22.98 -4.81
N ILE A 518 -11.28 22.78 -5.14
CA ILE A 518 -10.46 23.92 -5.57
C ILE A 518 -10.77 24.28 -7.02
N THR A 519 -11.68 23.57 -7.67
CA THR A 519 -11.93 23.70 -9.11
C THR A 519 -13.40 24.02 -9.36
N PRO A 520 -13.83 25.28 -9.14
CA PRO A 520 -15.14 25.73 -9.60
C PRO A 520 -15.09 26.33 -11.01
N ASP A 521 -14.54 25.57 -11.95
CA ASP A 521 -14.57 25.91 -13.38
C ASP A 521 -13.89 27.26 -13.66
N GLN A 522 -12.59 27.30 -13.40
CA GLN A 522 -11.80 28.52 -13.58
C GLN A 522 -10.79 28.44 -14.71
N GLY A 523 -10.03 27.36 -14.83
CA GLY A 523 -8.99 27.26 -15.84
C GLY A 523 -7.90 26.29 -15.47
N LEU A 524 -7.36 25.57 -16.46
CA LEU A 524 -6.39 24.52 -16.18
C LEU A 524 -5.02 25.07 -15.81
N ALA A 525 -4.58 26.12 -16.49
CA ALA A 525 -3.27 26.70 -16.18
C ALA A 525 -3.24 27.24 -14.76
N ASN A 526 -4.31 27.93 -14.35
CA ASN A 526 -4.34 28.49 -13.00
C ASN A 526 -4.38 27.40 -11.95
N ILE A 527 -5.11 26.32 -12.20
CA ILE A 527 -5.17 25.24 -11.22
C ILE A 527 -3.88 24.43 -11.19
N ILE A 528 -3.13 24.36 -12.29
CA ILE A 528 -1.88 23.61 -12.28
C ILE A 528 -0.72 24.44 -11.74
N CYS A 529 -0.78 25.77 -11.85
CA CYS A 529 0.30 26.59 -11.31
C CYS A 529 0.21 26.77 -9.79
N ALA A 530 -0.99 26.80 -9.25
CA ALA A 530 -1.18 27.07 -7.83
C ALA A 530 -1.22 25.81 -6.97
N GLN A 531 -1.14 24.63 -7.58
CA GLN A 531 -1.15 23.38 -6.83
C GLN A 531 0.17 22.63 -6.87
N LEU A 532 0.92 22.73 -7.97
CA LEU A 532 2.14 21.97 -8.13
C LEU A 532 3.40 22.81 -8.14
N LEU A 533 3.46 23.83 -9.00
CA LEU A 533 4.73 24.51 -9.25
C LEU A 533 5.11 25.43 -8.10
N GLY A 534 4.34 26.49 -7.90
CA GLY A 534 4.53 27.38 -6.77
C GLY A 534 5.41 28.57 -7.09
N ALA A 535 4.79 29.73 -7.30
CA ALA A 535 5.47 31.02 -7.39
C ALA A 535 6.48 31.11 -8.54
N GLY A 536 6.63 30.04 -9.32
CA GLY A 536 7.60 30.03 -10.40
C GLY A 536 7.05 29.70 -11.77
N GLY A 537 5.92 28.99 -11.80
CA GLY A 537 5.38 28.52 -13.06
C GLY A 537 4.35 29.44 -13.68
N CYS A 538 4.76 30.16 -14.71
CA CYS A 538 3.87 31.06 -15.46
C CYS A 538 3.41 30.44 -16.77
N ILE A 539 3.21 29.11 -16.78
CA ILE A 539 2.84 28.42 -18.00
C ILE A 539 1.46 28.88 -18.44
N SER A 540 1.41 29.52 -19.61
CA SER A 540 0.18 30.12 -20.11
C SER A 540 -0.80 29.06 -20.59
N GLU A 541 -2.04 29.50 -20.80
CA GLU A 541 -3.07 28.61 -21.34
C GLU A 541 -2.63 28.01 -22.66
N VAL A 542 -2.12 28.84 -23.58
CA VAL A 542 -1.77 28.36 -24.90
C VAL A 542 -0.57 27.42 -24.84
N CYS A 543 0.40 27.72 -23.96
CA CYS A 543 1.55 26.85 -23.82
C CYS A 543 1.13 25.46 -23.36
N LEU A 544 0.27 25.40 -22.35
CA LEU A 544 -0.19 24.11 -21.85
C LEU A 544 -1.04 23.38 -22.89
N SER A 545 -1.88 24.11 -23.61
CA SER A 545 -2.68 23.47 -24.66
C SER A 545 -1.79 22.87 -25.75
N SER A 546 -0.78 23.62 -26.19
CA SER A 546 0.13 23.10 -27.20
C SER A 546 0.91 21.91 -26.69
N SER A 547 1.35 21.97 -25.42
CA SER A 547 2.09 20.84 -24.84
C SER A 547 1.21 19.61 -24.77
N ILE A 548 -0.07 19.78 -24.42
CA ILE A 548 -1.01 18.67 -24.40
C ILE A 548 -1.16 18.09 -25.80
N GLN A 549 -1.31 18.98 -26.80
CA GLN A 549 -1.59 18.52 -28.15
C GLN A 549 -0.42 17.76 -28.75
N GLN A 550 0.79 18.35 -28.69
CA GLN A 550 1.92 17.69 -29.35
C GLN A 550 2.41 16.48 -28.58
N LEU A 551 2.45 16.57 -27.25
CA LEU A 551 2.87 15.44 -26.41
C LEU A 551 1.63 14.58 -26.14
N GLN A 552 1.22 13.86 -27.17
CA GLN A 552 -0.07 13.20 -27.20
C GLN A 552 -0.20 12.17 -26.08
N HIS A 553 0.61 11.12 -26.12
CA HIS A 553 0.51 10.02 -25.17
C HIS A 553 1.63 10.05 -24.14
N GLN A 554 2.24 11.21 -23.92
CA GLN A 554 3.31 11.37 -22.95
C GLN A 554 2.93 12.31 -21.82
N VAL A 555 1.64 12.59 -21.66
CA VAL A 555 1.14 13.43 -20.57
C VAL A 555 0.16 12.59 -19.75
N LEU A 556 0.50 12.38 -18.49
CA LEU A 556 -0.29 11.53 -17.58
C LEU A 556 -0.83 12.39 -16.44
N PHE A 557 -2.12 12.68 -16.50
CA PHE A 557 -2.80 13.33 -15.40
C PHE A 557 -3.15 12.31 -14.32
N LEU A 558 -2.97 12.69 -13.07
CA LEU A 558 -3.33 11.87 -11.92
C LEU A 558 -4.34 12.67 -11.09
N LEU A 559 -5.62 12.50 -11.42
CA LEU A 559 -6.68 13.24 -10.76
C LEU A 559 -7.13 12.51 -9.50
N ASP A 560 -7.29 13.28 -8.43
CA ASP A 560 -7.66 12.70 -7.16
C ASP A 560 -8.90 13.39 -6.62
N ASP A 561 -9.55 12.78 -5.64
CA ASP A 561 -10.75 13.33 -5.00
C ASP A 561 -11.78 13.74 -6.04
N TYR A 562 -12.27 12.74 -6.77
CA TYR A 562 -13.18 12.98 -7.87
C TYR A 562 -14.59 13.23 -7.38
N SER A 563 -15.31 14.11 -8.07
CA SER A 563 -16.71 14.39 -7.79
C SER A 563 -17.63 14.08 -8.96
N GLY A 564 -17.34 14.63 -10.14
CA GLY A 564 -18.19 14.43 -11.30
C GLY A 564 -17.88 15.37 -12.44
N LEU A 565 -18.29 15.02 -13.66
CA LEU A 565 -17.96 15.81 -14.84
C LEU A 565 -18.31 17.27 -14.68
N ALA A 566 -19.44 17.57 -14.04
CA ALA A 566 -19.89 18.95 -13.93
C ALA A 566 -18.86 19.83 -13.23
N SER A 567 -18.06 19.24 -12.34
CA SER A 567 -17.12 20.03 -11.54
C SER A 567 -15.74 20.16 -12.17
N LEU A 568 -15.46 19.44 -13.27
CA LEU A 568 -14.15 19.59 -13.88
C LEU A 568 -14.08 20.87 -14.72
N PRO A 569 -12.89 21.44 -14.88
CA PRO A 569 -12.72 22.61 -15.75
C PRO A 569 -12.93 22.26 -17.22
N GLN A 570 -12.85 23.26 -18.10
CA GLN A 570 -13.16 23.04 -19.50
C GLN A 570 -12.14 22.14 -20.17
N ALA A 571 -10.85 22.44 -19.99
CA ALA A 571 -9.81 21.64 -20.65
C ALA A 571 -9.80 20.22 -20.13
N LEU A 572 -9.90 20.04 -18.81
CA LEU A 572 -9.95 18.70 -18.25
C LEU A 572 -11.21 17.97 -18.68
N HIS A 573 -12.33 18.69 -18.80
CA HIS A 573 -13.55 18.07 -19.31
C HIS A 573 -13.35 17.56 -20.74
N THR A 574 -12.72 18.37 -21.59
CA THR A 574 -12.47 17.94 -22.96
C THR A 574 -11.54 16.73 -22.99
N LEU A 575 -10.51 16.73 -22.15
CA LEU A 575 -9.59 15.60 -22.13
C LEU A 575 -10.24 14.32 -21.62
N ILE A 576 -11.20 14.44 -20.70
CA ILE A 576 -11.79 13.24 -20.12
C ILE A 576 -12.97 12.75 -20.95
N THR A 577 -13.63 13.62 -21.72
CA THR A 577 -14.84 13.20 -22.43
C THR A 577 -14.55 12.67 -23.83
N LYS A 578 -13.50 13.15 -24.49
CA LYS A 578 -13.20 12.73 -25.85
C LYS A 578 -12.09 11.68 -25.91
N ASN A 579 -10.89 12.05 -25.44
CA ASN A 579 -9.70 11.21 -25.55
C ASN A 579 -9.53 10.66 -26.96
N TYR A 580 -9.96 11.42 -27.95
CA TYR A 580 -9.78 11.07 -29.36
C TYR A 580 -8.87 12.03 -30.10
N LEU A 581 -9.04 13.33 -29.85
CA LEU A 581 -8.20 14.34 -30.47
C LEU A 581 -7.04 14.78 -29.58
N SER A 582 -6.90 14.19 -28.40
CA SER A 582 -5.89 14.62 -27.44
C SER A 582 -4.91 13.53 -27.07
N ARG A 583 -5.36 12.28 -26.97
CA ARG A 583 -4.54 11.11 -26.72
C ARG A 583 -3.85 11.15 -25.35
N THR A 584 -4.14 12.15 -24.52
CA THR A 584 -3.53 12.21 -23.20
C THR A 584 -4.03 11.06 -22.34
N CYS A 585 -3.20 10.66 -21.37
CA CYS A 585 -3.53 9.54 -20.51
C CYS A 585 -3.84 10.05 -19.11
N LEU A 586 -4.95 9.60 -18.55
CA LEU A 586 -5.42 10.06 -17.25
C LEU A 586 -5.67 8.87 -16.34
N LEU A 587 -5.50 9.09 -15.05
CA LEU A 587 -5.81 8.12 -14.01
C LEU A 587 -6.56 8.85 -12.90
N ILE A 588 -7.82 8.50 -12.70
CA ILE A 588 -8.70 9.19 -11.77
C ILE A 588 -9.03 8.29 -10.61
N ALA A 589 -8.85 8.81 -9.39
CA ALA A 589 -9.23 8.09 -8.19
C ALA A 589 -10.70 8.35 -7.87
N VAL A 590 -11.44 7.26 -7.63
CA VAL A 590 -12.86 7.33 -7.35
C VAL A 590 -13.18 6.33 -6.26
N HIS A 591 -14.44 6.34 -5.81
CA HIS A 591 -14.90 5.43 -4.78
C HIS A 591 -15.64 4.25 -5.42
N THR A 592 -15.60 3.11 -4.74
CA THR A 592 -16.26 1.92 -5.26
C THR A 592 -17.76 2.14 -5.38
N ASN A 593 -18.33 1.65 -6.47
CA ASN A 593 -19.76 1.80 -6.78
C ASN A 593 -20.20 3.27 -6.73
N ARG A 594 -19.28 4.18 -7.06
CA ARG A 594 -19.60 5.60 -7.09
C ARG A 594 -18.98 6.27 -8.30
N VAL A 595 -18.72 5.49 -9.35
CA VAL A 595 -18.05 5.97 -10.56
C VAL A 595 -19.02 5.84 -11.73
N ARG A 596 -20.31 5.91 -11.43
CA ARG A 596 -21.37 5.59 -12.37
C ARG A 596 -21.53 6.60 -13.50
N ASP A 597 -20.65 7.58 -13.68
CA ASP A 597 -20.82 8.54 -14.76
C ASP A 597 -19.88 8.26 -15.93
N ILE A 598 -18.64 7.87 -15.66
CA ILE A 598 -17.64 7.68 -16.70
C ILE A 598 -17.54 6.20 -17.12
N ARG A 599 -18.56 5.39 -16.83
CA ARG A 599 -18.59 4.02 -17.30
C ARG A 599 -18.37 3.92 -18.81
N LEU A 600 -19.15 4.67 -19.58
CA LEU A 600 -19.10 4.55 -21.04
C LEU A 600 -17.79 5.08 -21.61
N TYR A 601 -17.07 5.92 -20.88
CA TYR A 601 -15.97 6.68 -21.44
C TYR A 601 -14.61 6.04 -21.25
N LEU A 602 -14.43 5.23 -20.21
CA LEU A 602 -13.12 4.75 -19.80
C LEU A 602 -12.82 3.37 -20.35
N GLY A 603 -11.53 3.07 -20.42
CA GLY A 603 -11.06 1.72 -20.66
C GLY A 603 -10.14 1.28 -19.54
N THR A 604 -10.15 -0.02 -19.25
CA THR A 604 -9.29 -0.63 -18.23
C THR A 604 -9.54 0.00 -16.85
N SER A 605 -10.74 -0.21 -16.35
CA SER A 605 -11.05 0.13 -14.97
C SER A 605 -10.25 -0.74 -14.01
N LEU A 606 -9.88 -0.16 -12.88
CA LEU A 606 -9.04 -0.82 -11.89
C LEU A 606 -9.67 -0.71 -10.51
N GLU A 607 -9.36 -1.68 -9.64
CA GLU A 607 -9.91 -1.72 -8.30
C GLU A 607 -8.85 -2.15 -7.30
N ILE A 608 -8.82 -1.50 -6.14
CA ILE A 608 -7.95 -1.88 -5.05
C ILE A 608 -8.68 -2.94 -4.23
N GLN A 609 -8.23 -4.18 -4.31
CA GLN A 609 -8.97 -5.28 -3.71
C GLN A 609 -8.98 -5.19 -2.18
N GLU A 610 -7.81 -5.25 -1.57
CA GLU A 610 -7.69 -5.30 -0.13
C GLU A 610 -6.25 -4.99 0.22
N PHE A 611 -5.97 -4.93 1.52
CA PHE A 611 -4.61 -4.70 1.97
C PHE A 611 -4.09 -5.96 2.64
N PRO A 612 -3.21 -6.72 2.00
CA PRO A 612 -2.81 -8.01 2.55
C PRO A 612 -1.97 -7.86 3.81
N PHE A 613 -1.93 -8.93 4.60
CA PHE A 613 -1.29 -8.86 5.91
C PHE A 613 0.22 -8.75 5.81
N TYR A 614 0.83 -9.25 4.72
CA TYR A 614 2.27 -9.09 4.60
C TYR A 614 2.68 -7.64 4.50
N ASN A 615 1.88 -6.80 3.83
CA ASN A 615 2.18 -5.38 3.81
C ASN A 615 2.12 -4.77 5.21
N THR A 616 1.11 -5.15 5.98
CA THR A 616 0.97 -4.65 7.34
C THR A 616 2.17 -5.04 8.18
N VAL A 617 2.54 -6.32 8.15
CA VAL A 617 3.65 -6.77 8.97
C VAL A 617 4.96 -6.18 8.48
N SER A 618 5.09 -5.91 7.18
CA SER A 618 6.30 -5.25 6.70
C SER A 618 6.41 -3.83 7.22
N VAL A 619 5.31 -3.07 7.17
CA VAL A 619 5.33 -1.71 7.69
C VAL A 619 5.61 -1.72 9.19
N LEU A 620 5.03 -2.67 9.91
CA LEU A 620 5.30 -2.79 11.33
C LEU A 620 6.76 -3.12 11.60
N ARG A 621 7.34 -4.00 10.77
CA ARG A 621 8.72 -4.41 10.95
C ARG A 621 9.67 -3.24 10.71
N LYS A 622 9.41 -2.44 9.67
CA LYS A 622 10.32 -1.35 9.35
C LYS A 622 10.37 -0.31 10.47
N PHE A 623 9.21 0.01 11.07
CA PHE A 623 9.14 1.10 12.01
C PHE A 623 9.73 0.79 13.37
N PHE A 624 10.03 -0.48 13.67
CA PHE A 624 10.37 -0.88 15.03
C PHE A 624 11.75 -1.52 15.08
N SER A 625 12.48 -1.25 16.16
CA SER A 625 13.71 -1.93 16.50
C SER A 625 13.48 -3.07 17.49
N HIS A 626 12.66 -2.83 18.51
CA HIS A 626 12.24 -3.86 19.45
C HIS A 626 11.16 -4.70 18.77
N ASP A 627 11.60 -5.69 18.00
CA ASP A 627 10.68 -6.50 17.21
C ASP A 627 10.18 -7.72 17.99
N ILE A 628 9.68 -7.46 19.19
CA ILE A 628 8.91 -8.45 19.93
C ILE A 628 7.44 -8.09 20.00
N ILE A 629 7.10 -6.82 19.80
CA ILE A 629 5.70 -6.40 19.78
C ILE A 629 5.01 -6.93 18.54
N CYS A 630 5.66 -6.85 17.38
CA CYS A 630 5.04 -7.29 16.15
C CYS A 630 4.77 -8.78 16.16
N VAL A 631 5.70 -9.57 16.68
CA VAL A 631 5.48 -11.02 16.73
C VAL A 631 4.36 -11.34 17.69
N GLU A 632 4.27 -10.61 18.81
CA GLU A 632 3.15 -10.82 19.71
C GLU A 632 1.83 -10.52 19.03
N LYS A 633 1.80 -9.45 18.22
CA LYS A 633 0.59 -9.15 17.47
C LYS A 633 0.26 -10.25 16.48
N LEU A 634 1.28 -10.81 15.82
CA LEU A 634 1.06 -11.93 14.90
C LEU A 634 0.40 -13.12 15.60
N ILE A 635 1.00 -13.61 16.69
CA ILE A 635 0.40 -14.75 17.38
C ILE A 635 -0.95 -14.41 17.97
N ILE A 636 -1.09 -13.24 18.58
CA ILE A 636 -2.36 -12.90 19.21
C ILE A 636 -3.39 -12.55 18.13
N TYR A 637 -2.97 -12.57 16.87
CA TYR A 637 -3.94 -12.36 15.80
C TYR A 637 -4.34 -13.65 15.08
N PHE A 638 -3.43 -14.58 14.81
CA PHE A 638 -3.97 -15.72 14.07
C PHE A 638 -4.67 -16.72 14.97
N ILE A 639 -4.78 -16.44 16.27
CA ILE A 639 -5.57 -17.31 17.14
C ILE A 639 -7.05 -16.99 17.08
N ASP A 640 -7.42 -15.76 16.72
CA ASP A 640 -8.84 -15.42 16.56
C ASP A 640 -9.35 -15.86 15.19
N ASN A 641 -8.79 -15.26 14.13
CA ASN A 641 -9.08 -15.63 12.74
C ASN A 641 -10.52 -15.31 12.33
N LYS A 642 -11.33 -14.84 13.27
CA LYS A 642 -12.68 -14.42 12.92
C LYS A 642 -12.69 -13.00 12.39
N ASP A 643 -11.96 -12.09 13.04
CA ASP A 643 -11.71 -10.76 12.55
C ASP A 643 -10.50 -10.70 11.63
N LEU A 644 -10.13 -11.84 11.05
CA LEU A 644 -8.98 -11.89 10.15
C LEU A 644 -9.12 -10.88 9.02
N GLN A 645 -10.27 -10.86 8.37
CA GLN A 645 -10.56 -9.87 7.35
C GLN A 645 -11.08 -8.60 8.04
N GLY A 646 -11.52 -7.64 7.24
CA GLY A 646 -12.15 -6.45 7.78
C GLY A 646 -11.19 -5.52 8.49
N VAL A 647 -10.51 -6.03 9.52
CA VAL A 647 -9.59 -5.20 10.28
C VAL A 647 -8.44 -4.72 9.40
N TYR A 648 -8.00 -5.56 8.47
CA TYR A 648 -6.93 -5.20 7.55
C TYR A 648 -7.47 -4.78 6.20
N LYS A 649 -8.76 -4.49 6.10
CA LYS A 649 -9.34 -4.05 4.84
C LYS A 649 -8.68 -2.77 4.34
N THR A 650 -8.14 -1.97 5.24
CA THR A 650 -7.55 -0.70 4.88
C THR A 650 -6.19 -0.55 5.54
N PRO A 651 -5.29 0.24 4.94
CA PRO A 651 -4.01 0.52 5.59
C PRO A 651 -4.14 1.40 6.83
N LEU A 652 -5.31 1.99 7.06
CA LEU A 652 -5.49 2.84 8.23
C LEU A 652 -5.32 2.07 9.54
N PHE A 653 -5.48 0.75 9.52
CA PHE A 653 -5.23 -0.03 10.73
C PHE A 653 -3.74 -0.06 11.05
N VAL A 654 -2.89 -0.12 10.02
CA VAL A 654 -1.46 -0.05 10.24
C VAL A 654 -1.09 1.28 10.86
N ALA A 655 -1.66 2.37 10.34
CA ALA A 655 -1.39 3.69 10.91
C ALA A 655 -1.90 3.77 12.34
N ALA A 656 -3.05 3.16 12.62
CA ALA A 656 -3.60 3.19 13.97
C ALA A 656 -2.69 2.46 14.94
N VAL A 657 -2.23 1.26 14.57
CA VAL A 657 -1.38 0.50 15.47
C VAL A 657 -0.03 1.18 15.61
N CYS A 658 0.43 1.90 14.57
CA CYS A 658 1.69 2.62 14.68
C CYS A 658 1.56 3.82 15.61
N THR A 659 0.47 4.57 15.49
CA THR A 659 0.29 5.73 16.36
C THR A 659 -0.15 5.34 17.77
N ASP A 660 -0.54 4.09 17.98
CA ASP A 660 -0.77 3.59 19.33
C ASP A 660 0.52 3.60 20.13
N TRP A 661 1.67 3.69 19.44
CA TRP A 661 2.98 3.77 20.08
C TRP A 661 3.32 5.19 20.52
N ILE A 662 2.32 6.05 20.65
CA ILE A 662 2.55 7.39 21.18
C ILE A 662 2.73 7.36 22.68
N GLN A 663 2.34 6.28 23.34
CA GLN A 663 2.44 6.16 24.79
C GLN A 663 3.29 4.98 25.25
N ASN A 664 3.18 3.83 24.59
CA ASN A 664 3.96 2.65 24.93
C ASN A 664 3.90 1.70 23.75
N ALA A 665 4.36 0.47 23.95
CA ALA A 665 4.30 -0.53 22.89
C ALA A 665 2.86 -0.88 22.56
N SER A 666 2.63 -1.29 21.31
CA SER A 666 1.30 -1.66 20.84
C SER A 666 0.91 -3.08 21.25
N ALA A 667 1.59 -3.64 22.25
CA ALA A 667 1.34 -4.98 22.78
C ALA A 667 1.28 -4.93 24.30
N GLN A 668 0.46 -4.02 24.82
CA GLN A 668 0.41 -3.70 26.24
C GLN A 668 0.05 -4.88 27.15
N ASP A 669 -0.24 -6.04 26.57
CA ASP A 669 -0.33 -7.31 27.30
C ASP A 669 -1.52 -7.37 28.25
N LYS A 670 -2.59 -6.63 27.97
CA LYS A 670 -3.78 -6.66 28.83
C LYS A 670 -5.03 -6.60 27.93
N PHE A 671 -5.55 -7.78 27.56
CA PHE A 671 -6.76 -7.91 26.77
C PHE A 671 -6.65 -7.11 25.46
N GLN A 672 -5.73 -7.59 24.62
CA GLN A 672 -5.25 -6.81 23.49
C GLN A 672 -6.36 -6.40 22.53
N ASP A 673 -7.45 -7.16 22.46
CA ASP A 673 -8.46 -6.89 21.44
C ASP A 673 -9.13 -5.53 21.66
N VAL A 674 -9.51 -5.23 22.90
CA VAL A 674 -10.19 -3.97 23.17
C VAL A 674 -9.25 -2.79 22.94
N THR A 675 -7.98 -2.94 23.33
CA THR A 675 -7.02 -1.87 23.09
C THR A 675 -6.82 -1.65 21.59
N LEU A 676 -6.74 -2.72 20.81
CA LEU A 676 -6.58 -2.59 19.37
C LEU A 676 -7.77 -1.86 18.76
N PHE A 677 -8.98 -2.28 19.13
CA PHE A 677 -10.17 -1.65 18.58
C PHE A 677 -10.27 -0.18 18.97
N GLN A 678 -9.99 0.13 20.24
CA GLN A 678 -10.02 1.52 20.69
C GLN A 678 -8.96 2.35 20.00
N SER A 679 -7.77 1.77 19.76
CA SER A 679 -6.73 2.50 19.04
C SER A 679 -7.18 2.81 17.62
N TYR A 680 -7.81 1.83 16.97
CA TYR A 680 -8.34 2.07 15.63
C TYR A 680 -9.34 3.22 15.64
N MET A 681 -10.31 3.15 16.54
CA MET A 681 -11.35 4.17 16.59
C MET A 681 -10.77 5.55 16.92
N GLN A 682 -9.81 5.60 17.84
CA GLN A 682 -9.17 6.86 18.19
C GLN A 682 -8.42 7.42 17.00
N TYR A 683 -7.78 6.57 16.21
CA TYR A 683 -7.08 7.06 15.04
C TYR A 683 -8.05 7.61 14.00
N LEU A 684 -9.19 6.95 13.80
CA LEU A 684 -10.23 7.54 12.96
C LEU A 684 -10.66 8.90 13.47
N SER A 685 -10.90 9.02 14.78
CA SER A 685 -11.29 10.31 15.33
C SER A 685 -10.22 11.36 15.12
N LEU A 686 -8.96 10.96 15.19
CA LEU A 686 -7.86 11.91 15.05
C LEU A 686 -7.70 12.39 13.61
N LYS A 687 -7.76 11.46 12.64
CA LYS A 687 -7.43 11.82 11.26
C LYS A 687 -8.40 12.84 10.71
N TYR A 688 -9.70 12.65 10.92
CA TYR A 688 -10.72 13.48 10.32
C TYR A 688 -11.13 14.65 11.20
N LYS A 689 -10.24 15.15 12.05
CA LYS A 689 -10.57 16.27 12.93
C LYS A 689 -10.95 17.53 12.14
N ALA A 690 -10.53 17.63 10.89
CA ALA A 690 -10.92 18.77 10.07
C ALA A 690 -12.39 18.73 9.72
N THR A 691 -12.95 17.54 9.52
CA THR A 691 -14.35 17.34 9.16
C THR A 691 -14.95 16.26 10.05
N ALA A 692 -14.77 16.40 11.36
CA ALA A 692 -15.18 15.39 12.33
C ALA A 692 -16.69 15.35 12.56
N GLU A 693 -17.44 16.35 12.10
CA GLU A 693 -18.87 16.35 12.33
C GLU A 693 -19.58 15.17 11.69
N PRO A 694 -19.37 14.84 10.41
CA PRO A 694 -20.03 13.64 9.86
C PRO A 694 -19.52 12.36 10.47
N LEU A 695 -18.22 12.27 10.76
CA LEU A 695 -17.69 11.04 11.35
C LEU A 695 -18.33 10.77 12.70
N GLN A 696 -18.46 11.81 13.54
CA GLN A 696 -19.16 11.64 14.80
C GLN A 696 -20.58 11.15 14.57
N ALA A 697 -21.21 11.56 13.47
CA ALA A 697 -22.49 10.99 13.10
C ALA A 697 -22.33 9.55 12.63
N THR A 698 -21.34 9.30 11.77
CA THR A 698 -21.20 7.97 11.16
C THR A 698 -20.91 6.92 12.23
N VAL A 699 -20.09 7.26 13.23
CA VAL A 699 -19.86 6.32 14.31
C VAL A 699 -21.13 6.14 15.14
N SER A 700 -21.93 7.18 15.29
CA SER A 700 -23.15 7.06 16.08
C SER A 700 -24.25 6.37 15.28
N SER A 701 -24.64 6.99 14.16
CA SER A 701 -25.77 6.49 13.38
C SER A 701 -25.58 5.04 12.97
N CYS A 702 -24.41 4.72 12.41
CA CYS A 702 -24.11 3.34 12.09
C CYS A 702 -23.96 2.51 13.35
N GLY A 703 -23.33 3.07 14.38
CA GLY A 703 -23.07 2.30 15.58
C GLY A 703 -24.32 1.74 16.22
N GLN A 704 -25.38 2.54 16.27
CA GLN A 704 -26.64 2.07 16.85
C GLN A 704 -27.13 0.82 16.16
N LEU A 705 -26.89 0.70 14.86
CA LEU A 705 -27.29 -0.49 14.13
C LEU A 705 -26.70 -1.73 14.79
N ALA A 706 -25.41 -1.68 15.11
CA ALA A 706 -24.77 -2.82 15.77
C ALA A 706 -25.49 -3.19 17.05
N LEU A 707 -25.88 -2.18 17.84
CA LEU A 707 -26.62 -2.46 19.07
C LEU A 707 -27.93 -3.17 18.75
N THR A 708 -28.62 -2.72 17.70
CA THR A 708 -29.86 -3.38 17.29
C THR A 708 -29.61 -4.84 16.98
N GLY A 709 -28.41 -5.18 16.50
CA GLY A 709 -28.04 -6.55 16.26
C GLY A 709 -27.21 -7.18 17.35
N LEU A 710 -26.88 -6.44 18.41
CA LEU A 710 -26.08 -7.02 19.48
C LEU A 710 -26.83 -8.15 20.17
N PHE A 711 -28.13 -8.00 20.33
CA PHE A 711 -28.96 -8.98 21.04
C PHE A 711 -29.94 -9.71 20.14
N SER A 712 -30.32 -9.12 19.00
CA SER A 712 -31.23 -9.77 18.07
C SER A 712 -30.54 -10.95 17.39
N SER A 713 -29.23 -11.07 17.55
CA SER A 713 -28.44 -12.20 17.05
C SER A 713 -28.53 -12.28 15.53
N CYS A 714 -28.04 -11.24 14.87
CA CYS A 714 -27.97 -11.21 13.41
C CYS A 714 -26.82 -10.32 13.00
N PHE A 715 -26.00 -10.79 12.05
CA PHE A 715 -24.86 -10.04 11.57
C PHE A 715 -24.90 -9.73 10.07
N GLU A 716 -25.84 -10.32 9.32
CA GLU A 716 -25.90 -10.06 7.88
C GLU A 716 -26.26 -8.60 7.60
N PHE A 717 -27.30 -8.09 8.27
CA PHE A 717 -27.68 -6.69 8.21
C PHE A 717 -27.97 -6.25 6.77
N ASN A 718 -29.06 -6.81 6.23
CA ASN A 718 -29.48 -6.46 4.89
C ASN A 718 -29.85 -4.96 4.80
N SER A 719 -30.12 -4.52 3.57
CA SER A 719 -30.12 -3.10 3.26
C SER A 719 -31.24 -2.34 3.98
N ASP A 720 -32.45 -2.91 4.00
CA ASP A 720 -33.60 -2.16 4.53
C ASP A 720 -33.44 -1.85 6.01
N ASP A 721 -32.67 -2.66 6.73
CA ASP A 721 -32.41 -2.37 8.14
C ASP A 721 -31.53 -1.13 8.30
N LEU A 722 -30.69 -0.83 7.31
CA LEU A 722 -29.82 0.33 7.40
C LEU A 722 -30.63 1.62 7.47
N ALA A 723 -31.72 1.70 6.72
CA ALA A 723 -32.59 2.88 6.78
C ALA A 723 -33.20 3.03 8.16
N GLU A 724 -33.64 1.91 8.76
CA GLU A 724 -34.18 1.97 10.11
C GLU A 724 -33.12 2.44 11.10
N ALA A 725 -31.88 1.96 10.94
CA ALA A 725 -30.79 2.42 11.80
C ALA A 725 -30.51 3.91 11.61
N GLY A 726 -30.56 4.41 10.38
CA GLY A 726 -30.38 5.82 10.13
C GLY A 726 -28.97 6.20 9.68
N VAL A 727 -28.38 5.36 8.83
CA VAL A 727 -27.05 5.61 8.27
C VAL A 727 -27.13 5.31 6.77
N ASP A 728 -26.17 5.85 6.03
CA ASP A 728 -26.08 5.70 4.58
C ASP A 728 -27.21 6.42 3.85
N GLU A 729 -27.90 7.34 4.55
CA GLU A 729 -29.01 8.06 3.92
C GLU A 729 -28.55 8.89 2.72
N ASP A 730 -27.33 9.42 2.78
CA ASP A 730 -26.75 10.17 1.67
C ASP A 730 -25.69 9.38 0.92
N GLU A 731 -25.54 8.09 1.22
CA GLU A 731 -24.47 7.25 0.65
C GLU A 731 -23.12 7.91 0.87
N LYS A 732 -22.79 8.15 2.13
CA LYS A 732 -21.67 9.01 2.46
C LYS A 732 -20.39 8.20 2.56
N LEU A 733 -19.25 8.88 2.42
CA LEU A 733 -17.95 8.22 2.36
C LEU A 733 -17.70 7.35 3.59
N THR A 734 -17.64 7.99 4.76
CA THR A 734 -17.05 7.37 5.95
C THR A 734 -17.75 6.08 6.35
N THR A 735 -18.98 5.85 5.88
CA THR A 735 -19.67 4.64 6.29
C THR A 735 -19.02 3.38 5.75
N LEU A 736 -18.02 3.50 4.88
CA LEU A 736 -17.29 2.32 4.44
C LEU A 736 -16.02 2.05 5.26
N LEU A 737 -15.70 2.89 6.24
CA LEU A 737 -14.60 2.58 7.15
C LEU A 737 -14.98 1.48 8.14
N MET A 738 -16.25 1.08 8.18
CA MET A 738 -16.71 0.12 9.17
C MET A 738 -17.54 -1.02 8.59
N SER A 739 -17.79 -1.04 7.29
CA SER A 739 -18.55 -2.12 6.67
C SER A 739 -17.99 -2.38 5.28
N LYS A 740 -18.42 -3.48 4.68
CA LYS A 740 -17.97 -3.84 3.34
C LYS A 740 -19.11 -4.49 2.58
N PHE A 741 -18.99 -4.47 1.25
CA PHE A 741 -20.00 -5.02 0.35
C PHE A 741 -19.75 -6.52 0.17
N THR A 742 -20.00 -7.27 1.24
CA THR A 742 -19.58 -8.67 1.29
C THR A 742 -20.21 -9.48 0.17
N ALA A 743 -21.51 -9.34 -0.04
CA ALA A 743 -22.23 -10.07 -1.07
C ALA A 743 -22.84 -9.10 -2.07
N GLN A 744 -22.86 -9.50 -3.34
CA GLN A 744 -23.38 -8.65 -4.41
C GLN A 744 -24.23 -9.44 -5.41
N ARG A 745 -24.73 -10.62 -5.03
CA ARG A 745 -25.62 -11.36 -5.91
C ARG A 745 -26.94 -10.62 -6.09
N LEU A 746 -27.57 -10.23 -4.99
CA LEU A 746 -28.82 -9.48 -5.01
C LEU A 746 -29.08 -8.98 -3.59
N ARG A 747 -29.58 -7.74 -3.49
CA ARG A 747 -29.86 -7.11 -2.20
C ARG A 747 -28.60 -7.17 -1.33
N PRO A 748 -27.58 -6.36 -1.63
CA PRO A 748 -26.27 -6.56 -1.02
C PRO A 748 -26.31 -6.52 0.50
N VAL A 749 -25.54 -7.40 1.11
CA VAL A 749 -25.49 -7.52 2.57
C VAL A 749 -24.48 -6.51 3.11
N TYR A 750 -24.53 -6.31 4.42
CA TYR A 750 -23.69 -5.31 5.09
C TYR A 750 -23.17 -5.93 6.39
N ARG A 751 -22.00 -6.56 6.31
CA ARG A 751 -21.40 -7.18 7.48
C ARG A 751 -20.26 -6.32 8.02
N PHE A 752 -20.23 -6.17 9.34
CA PHE A 752 -19.20 -5.37 10.00
C PHE A 752 -17.89 -6.15 10.02
N LEU A 753 -16.89 -5.61 10.71
CA LEU A 753 -15.56 -6.20 10.78
C LEU A 753 -15.47 -7.30 11.83
N GLY A 754 -16.38 -8.26 11.76
CA GLY A 754 -16.35 -9.39 12.66
C GLY A 754 -17.22 -9.24 13.88
N PRO A 755 -17.56 -10.37 14.52
CA PRO A 755 -18.40 -10.31 15.72
C PRO A 755 -17.81 -9.47 16.84
N LEU A 756 -16.48 -9.48 16.99
CA LEU A 756 -15.88 -8.65 18.02
C LEU A 756 -16.10 -7.18 17.74
N PHE A 757 -16.13 -6.79 16.46
CA PHE A 757 -16.37 -5.40 16.13
C PHE A 757 -17.86 -5.06 16.28
N GLN A 758 -18.74 -6.03 15.98
CA GLN A 758 -20.12 -5.95 16.45
C GLN A 758 -20.15 -5.52 17.90
N GLU A 759 -19.45 -6.27 18.75
CA GLU A 759 -19.49 -6.03 20.19
C GLU A 759 -18.98 -4.64 20.53
N PHE A 760 -17.84 -4.26 19.96
CA PHE A 760 -17.24 -2.98 20.36
C PHE A 760 -18.09 -1.81 19.91
N LEU A 761 -18.61 -1.84 18.68
CA LEU A 761 -19.47 -0.74 18.24
C LEU A 761 -20.77 -0.69 19.04
N ALA A 762 -21.36 -1.84 19.34
CA ALA A 762 -22.56 -1.83 20.17
C ALA A 762 -22.26 -1.25 21.53
N ALA A 763 -21.08 -1.56 22.09
CA ALA A 763 -20.72 -1.04 23.40
C ALA A 763 -20.53 0.47 23.35
N VAL A 764 -19.88 0.99 22.31
CA VAL A 764 -19.67 2.43 22.24
C VAL A 764 -21.00 3.15 22.07
N ARG A 765 -21.92 2.56 21.29
CA ARG A 765 -23.24 3.17 21.17
C ARG A 765 -23.97 3.15 22.51
N LEU A 766 -23.89 2.03 23.23
CA LEU A 766 -24.58 1.94 24.52
C LEU A 766 -24.02 2.96 25.50
N THR A 767 -22.71 3.12 25.52
CA THR A 767 -22.08 4.12 26.39
C THR A 767 -22.52 5.53 26.02
N GLU A 768 -22.55 5.84 24.72
CA GLU A 768 -22.98 7.18 24.31
C GLU A 768 -24.43 7.42 24.69
N LEU A 769 -25.29 6.41 24.52
CA LEU A 769 -26.70 6.59 24.85
C LEU A 769 -26.90 6.79 26.34
N LEU A 770 -26.32 5.90 27.17
CA LEU A 770 -26.51 6.03 28.60
C LEU A 770 -25.73 7.18 29.21
N SER A 771 -24.83 7.81 28.45
CA SER A 771 -24.12 8.98 28.93
C SER A 771 -24.80 10.29 28.57
N SER A 772 -25.54 10.33 27.46
CA SER A 772 -26.21 11.55 27.05
C SER A 772 -27.34 11.90 28.00
N ASP A 773 -27.45 13.18 28.33
CA ASP A 773 -28.53 13.67 29.18
C ASP A 773 -29.83 13.88 28.41
N ARG A 774 -29.83 13.66 27.10
CA ARG A 774 -31.08 13.73 26.34
C ARG A 774 -31.99 12.66 26.90
N GLN A 775 -33.08 13.06 27.54
CA GLN A 775 -33.97 12.10 28.20
C GLN A 775 -34.50 10.94 27.35
N GLU A 776 -34.99 11.21 26.15
CA GLU A 776 -35.61 10.15 25.37
C GLU A 776 -34.68 9.61 24.31
N ASP A 777 -33.45 10.11 24.22
CA ASP A 777 -32.39 9.36 23.58
C ASP A 777 -31.69 8.43 24.55
N GLN A 778 -32.09 8.46 25.83
CA GLN A 778 -31.58 7.57 26.85
C GLN A 778 -32.56 6.47 27.24
N ASP A 779 -33.87 6.73 27.12
CA ASP A 779 -34.84 5.67 27.39
C ASP A 779 -34.62 4.48 26.47
N LEU A 780 -34.23 4.74 25.22
CA LEU A 780 -33.86 3.66 24.32
C LEU A 780 -32.65 2.91 24.84
N GLY A 781 -31.69 3.62 25.43
CA GLY A 781 -30.55 2.95 26.02
C GLY A 781 -30.95 2.04 27.17
N LEU A 782 -31.85 2.52 28.03
CA LEU A 782 -32.36 1.65 29.10
C LEU A 782 -33.10 0.45 28.54
N TYR A 783 -33.87 0.66 27.45
CA TYR A 783 -34.56 -0.45 26.82
C TYR A 783 -33.58 -1.51 26.32
N TYR A 784 -32.53 -1.08 25.63
CA TYR A 784 -31.49 -2.01 25.20
C TYR A 784 -30.72 -2.60 26.37
N LEU A 785 -30.75 -1.95 27.53
CA LEU A 785 -30.18 -2.53 28.73
C LEU A 785 -31.13 -3.53 29.38
N ARG A 786 -32.42 -3.50 29.03
CA ARG A 786 -33.40 -4.32 29.72
C ARG A 786 -33.31 -5.80 29.35
N GLN A 787 -32.92 -6.12 28.11
CA GLN A 787 -33.02 -7.50 27.64
C GLN A 787 -32.17 -8.46 28.47
N ILE A 788 -31.05 -7.98 29.02
CA ILE A 788 -30.29 -8.84 29.92
C ILE A 788 -31.10 -9.03 31.20
N ASP A 789 -31.50 -10.27 31.47
CA ASP A 789 -32.47 -10.53 32.53
C ASP A 789 -32.20 -11.79 33.34
N SER A 790 -31.02 -12.39 33.22
CA SER A 790 -30.75 -13.64 33.91
C SER A 790 -29.24 -13.78 34.08
N PRO A 791 -28.80 -14.58 35.05
CA PRO A 791 -27.36 -14.85 35.17
C PRO A 791 -26.77 -15.44 33.90
N LEU A 792 -27.50 -16.34 33.24
CA LEU A 792 -27.03 -16.87 31.97
C LEU A 792 -26.93 -15.76 30.93
N LYS A 793 -27.81 -14.76 31.00
CA LYS A 793 -27.68 -13.60 30.13
C LYS A 793 -26.54 -12.69 30.59
N ALA A 794 -26.21 -12.72 31.88
CA ALA A 794 -25.06 -11.99 32.38
C ALA A 794 -23.76 -12.70 32.09
N ILE A 795 -23.81 -13.93 31.57
CA ILE A 795 -22.62 -14.67 31.16
C ILE A 795 -22.47 -14.67 29.64
N ASN A 796 -23.45 -15.22 28.92
CA ASN A 796 -23.29 -15.44 27.48
C ASN A 796 -23.08 -14.12 26.74
N SER A 797 -23.84 -13.09 27.08
CA SER A 797 -23.59 -11.78 26.50
C SER A 797 -22.25 -11.23 26.96
N PHE A 798 -22.00 -11.27 28.26
CA PHE A 798 -20.81 -10.66 28.83
C PHE A 798 -19.56 -11.53 28.74
N ASN A 799 -19.63 -12.72 28.12
CA ASN A 799 -18.39 -13.38 27.74
C ASN A 799 -17.62 -12.56 26.72
N ILE A 800 -18.32 -11.85 25.84
CA ILE A 800 -17.69 -11.00 24.84
C ILE A 800 -18.07 -9.53 25.00
N PHE A 801 -18.97 -9.20 25.92
CA PHE A 801 -19.41 -7.82 26.11
C PHE A 801 -18.93 -7.28 27.46
N LEU A 802 -17.95 -7.94 28.06
CA LEU A 802 -17.49 -7.58 29.41
C LEU A 802 -16.65 -6.31 29.38
N TYR A 803 -15.50 -6.36 28.71
CA TYR A 803 -14.53 -5.28 28.73
C TYR A 803 -14.80 -4.20 27.72
N TYR A 804 -16.04 -4.09 27.26
CA TYR A 804 -16.40 -3.11 26.26
C TYR A 804 -17.38 -2.06 26.76
N VAL A 805 -18.37 -2.47 27.55
CA VAL A 805 -19.16 -1.48 28.28
C VAL A 805 -18.39 -0.95 29.49
N SER A 806 -17.39 -1.70 29.95
CA SER A 806 -16.59 -1.28 31.11
C SER A 806 -15.37 -0.47 30.74
N SER A 807 -14.79 -0.72 29.55
CA SER A 807 -13.54 -0.05 29.18
C SER A 807 -13.69 1.46 29.20
N HIS A 808 -14.74 1.98 28.56
CA HIS A 808 -14.94 3.41 28.51
C HIS A 808 -15.23 3.97 29.90
N SER A 809 -14.67 5.14 30.20
CA SER A 809 -14.89 5.81 31.48
C SER A 809 -16.26 6.49 31.49
N SER A 810 -17.30 5.67 31.35
CA SER A 810 -18.67 6.14 31.25
C SER A 810 -19.15 6.52 32.65
N SER A 811 -18.88 7.76 33.04
CA SER A 811 -19.25 8.22 34.38
C SER A 811 -20.77 8.19 34.56
N LYS A 812 -21.50 8.79 33.63
CA LYS A 812 -22.95 8.83 33.75
C LYS A 812 -23.57 7.46 33.53
N ALA A 813 -22.99 6.64 32.66
CA ALA A 813 -23.57 5.36 32.31
C ALA A 813 -23.30 4.28 33.35
N ALA A 814 -22.24 4.43 34.14
CA ALA A 814 -21.90 3.39 35.11
C ALA A 814 -23.01 3.13 36.13
N PRO A 815 -23.57 4.14 36.82
CA PRO A 815 -24.53 3.82 37.90
C PRO A 815 -25.76 3.08 37.41
N THR A 816 -26.34 3.48 36.29
CA THR A 816 -27.57 2.85 35.83
C THR A 816 -27.34 1.37 35.52
N VAL A 817 -26.26 1.06 34.81
CA VAL A 817 -26.04 -0.32 34.41
C VAL A 817 -25.57 -1.16 35.59
N VAL A 818 -24.81 -0.60 36.54
CA VAL A 818 -24.43 -1.40 37.70
C VAL A 818 -25.67 -1.68 38.55
N SER A 819 -26.59 -0.71 38.64
CA SER A 819 -27.84 -0.94 39.34
C SER A 819 -28.66 -2.03 38.66
N HIS A 820 -28.71 -2.00 37.33
CA HIS A 820 -29.45 -3.03 36.61
C HIS A 820 -28.83 -4.41 36.82
N LEU A 821 -27.51 -4.49 36.86
CA LEU A 821 -26.87 -5.76 37.14
C LEU A 821 -27.19 -6.23 38.55
N LEU A 822 -27.18 -5.32 39.52
CA LEU A 822 -27.51 -5.68 40.90
C LEU A 822 -28.94 -6.21 41.00
N GLN A 823 -29.89 -5.50 40.41
CA GLN A 823 -31.30 -5.79 40.65
C GLN A 823 -31.77 -7.10 40.04
N LEU A 824 -30.88 -7.94 39.49
CA LEU A 824 -31.32 -9.20 38.90
C LEU A 824 -32.02 -10.08 39.93
N VAL A 825 -31.64 -9.97 41.20
CA VAL A 825 -32.26 -10.76 42.24
C VAL A 825 -33.60 -10.12 42.63
N ASP A 826 -34.66 -10.93 42.59
CA ASP A 826 -36.00 -10.43 42.93
C ASP A 826 -36.87 -11.58 43.43
N SER A 866 -24.86 -24.65 44.58
CA SER A 866 -23.52 -24.36 44.08
C SER A 866 -23.58 -23.40 42.90
N SER A 867 -24.22 -23.84 41.82
CA SER A 867 -24.35 -23.00 40.63
C SER A 867 -25.06 -21.69 40.96
N PHE A 868 -26.00 -21.73 41.90
CA PHE A 868 -26.64 -20.51 42.40
C PHE A 868 -25.60 -19.61 43.05
N VAL A 869 -24.85 -20.15 44.00
CA VAL A 869 -23.78 -19.40 44.66
C VAL A 869 -22.70 -19.02 43.65
N SER A 870 -22.37 -19.94 42.74
CA SER A 870 -21.33 -19.66 41.75
C SER A 870 -21.71 -18.48 40.87
N GLU A 871 -22.95 -18.44 40.40
CA GLU A 871 -23.37 -17.33 39.56
C GLU A 871 -23.43 -16.03 40.36
N HIS A 872 -23.80 -16.10 41.64
CA HIS A 872 -23.69 -14.90 42.46
C HIS A 872 -22.25 -14.41 42.56
N LEU A 873 -21.30 -15.33 42.75
CA LEU A 873 -19.89 -14.94 42.83
C LEU A 873 -19.43 -14.27 41.54
N LEU A 874 -19.72 -14.90 40.39
CA LEU A 874 -19.32 -14.31 39.13
C LEU A 874 -20.00 -12.96 38.90
N ARG A 875 -21.29 -12.87 39.22
CA ARG A 875 -22.03 -11.62 39.01
C ARG A 875 -21.45 -10.50 39.86
N LEU A 876 -21.12 -10.78 41.12
CA LEU A 876 -20.52 -9.74 41.94
C LEU A 876 -19.12 -9.40 41.44
N ALA A 877 -18.37 -10.39 40.94
CA ALA A 877 -17.08 -10.08 40.36
C ALA A 877 -17.23 -9.07 39.22
N LEU A 878 -18.16 -9.35 38.30
CA LEU A 878 -18.46 -8.40 37.23
C LEU A 878 -18.81 -7.02 37.78
N ILE A 879 -19.68 -6.98 38.78
CA ILE A 879 -20.20 -5.69 39.25
C ILE A 879 -19.10 -4.87 39.90
N PHE A 880 -18.34 -5.48 40.82
CA PHE A 880 -17.26 -4.74 41.46
C PHE A 880 -16.19 -4.32 40.46
N ALA A 881 -15.85 -5.20 39.51
CA ALA A 881 -14.87 -4.82 38.49
C ALA A 881 -15.37 -3.62 37.69
N TYR A 882 -16.63 -3.67 37.24
CA TYR A 882 -17.19 -2.58 36.46
C TYR A 882 -17.17 -1.28 37.25
N GLU A 883 -17.64 -1.32 38.50
CA GLU A 883 -17.77 -0.08 39.25
C GLU A 883 -16.40 0.48 39.64
N SER A 884 -15.41 -0.38 39.85
CA SER A 884 -14.07 0.10 40.14
C SER A 884 -13.31 0.51 38.87
N ASN A 885 -13.83 0.18 37.69
CA ASN A 885 -13.17 0.59 36.45
C ASN A 885 -13.08 2.12 36.35
N THR A 886 -14.17 2.82 36.65
CA THR A 886 -14.23 4.25 36.42
C THR A 886 -14.33 5.05 37.71
N VAL A 887 -15.39 4.84 38.51
CA VAL A 887 -15.62 5.59 39.73
C VAL A 887 -16.27 4.64 40.74
N ALA A 888 -15.62 4.42 41.87
CA ALA A 888 -16.10 3.50 42.89
C ALA A 888 -16.61 4.23 44.13
N GLU A 889 -17.18 5.41 43.97
CA GLU A 889 -17.70 6.18 45.10
C GLU A 889 -19.20 6.40 45.01
N CYS A 890 -19.70 6.98 43.91
CA CYS A 890 -21.09 7.43 43.88
C CYS A 890 -22.06 6.25 43.85
N SER A 891 -22.01 5.46 42.78
CA SER A 891 -22.94 4.35 42.65
C SER A 891 -22.82 3.30 43.74
N PRO A 892 -21.63 2.81 44.11
CA PRO A 892 -21.58 1.61 44.97
C PRO A 892 -22.12 1.84 46.37
N PHE A 893 -21.78 2.97 46.99
CA PHE A 893 -22.12 3.17 48.40
C PHE A 893 -23.62 3.19 48.64
N ILE A 894 -24.43 3.36 47.60
CA ILE A 894 -25.88 3.32 47.72
C ILE A 894 -26.51 2.16 46.96
N LEU A 895 -25.73 1.41 46.18
CA LEU A 895 -26.31 0.36 45.34
C LEU A 895 -25.84 -1.04 45.74
N GLN A 896 -24.54 -1.31 45.78
CA GLN A 896 -24.11 -2.68 46.01
C GLN A 896 -24.27 -3.11 47.46
N PHE A 897 -24.41 -2.15 48.38
CA PHE A 897 -24.65 -2.45 49.79
C PHE A 897 -25.97 -3.17 49.99
N LEU A 898 -26.77 -3.34 48.94
CA LEU A 898 -28.07 -3.99 49.07
C LEU A 898 -27.94 -5.52 49.06
N ARG A 899 -27.48 -6.10 47.96
CA ARG A 899 -27.65 -7.54 47.82
C ARG A 899 -26.39 -8.38 47.62
N GLY A 900 -25.49 -7.97 46.73
CA GLY A 900 -24.47 -8.93 46.32
C GLY A 900 -23.19 -8.95 47.14
N LYS A 901 -23.14 -9.84 48.14
CA LYS A 901 -21.98 -9.99 49.03
C LYS A 901 -21.91 -11.47 49.42
N THR A 902 -21.09 -12.23 48.70
CA THR A 902 -20.91 -13.65 49.01
C THR A 902 -19.44 -14.04 48.84
N LEU A 903 -19.05 -15.07 49.59
CA LEU A 903 -17.70 -15.65 49.53
C LEU A 903 -17.80 -17.07 50.07
N ALA A 904 -16.78 -17.89 49.75
CA ALA A 904 -16.85 -19.30 50.11
C ALA A 904 -15.82 -19.72 51.15
N LEU A 905 -14.52 -19.61 50.88
CA LEU A 905 -13.53 -20.08 51.85
C LEU A 905 -12.58 -18.97 52.32
N ARG A 906 -11.70 -18.46 51.45
CA ARG A 906 -10.78 -17.41 51.87
C ARG A 906 -10.78 -16.20 50.95
N VAL A 907 -10.64 -16.45 49.64
CA VAL A 907 -10.32 -15.40 48.68
C VAL A 907 -11.43 -15.20 47.66
N LEU A 908 -12.61 -15.79 47.90
CA LEU A 908 -13.73 -15.58 46.99
C LEU A 908 -14.17 -14.12 46.96
N ASN A 909 -13.79 -13.34 47.97
CA ASN A 909 -14.03 -11.90 47.99
C ASN A 909 -12.68 -11.21 48.27
N LEU A 910 -11.68 -11.57 47.46
CA LEU A 910 -10.36 -10.97 47.54
C LEU A 910 -10.25 -9.69 46.69
N GLN A 911 -11.36 -9.04 46.41
CA GLN A 911 -11.36 -7.82 45.61
C GLN A 911 -10.81 -6.68 46.45
N TYR A 912 -10.95 -5.45 45.93
CA TYR A 912 -10.44 -4.28 46.62
C TYR A 912 -11.00 -4.19 48.03
N PHE A 913 -10.15 -3.82 48.98
CA PHE A 913 -10.45 -3.89 50.41
C PHE A 913 -10.94 -2.54 50.91
N ARG A 914 -12.23 -2.48 51.25
CA ARG A 914 -12.80 -1.36 51.99
C ARG A 914 -13.48 -1.93 53.22
N ASP A 915 -14.27 -1.10 53.89
CA ASP A 915 -15.05 -1.54 55.05
C ASP A 915 -15.95 -2.71 54.68
N HIS A 916 -15.74 -3.86 55.31
CA HIS A 916 -16.59 -5.01 55.11
C HIS A 916 -17.99 -4.73 55.66
N PRO A 917 -18.99 -5.51 55.27
CA PRO A 917 -20.35 -5.28 55.79
C PRO A 917 -20.42 -5.53 57.29
N GLU A 918 -21.60 -5.28 57.85
CA GLU A 918 -21.81 -5.53 59.28
C GLU A 918 -21.47 -6.97 59.62
N SER A 919 -22.23 -7.93 59.08
CA SER A 919 -21.77 -9.30 58.95
C SER A 919 -22.28 -9.84 57.62
N LEU A 920 -21.53 -9.55 56.55
CA LEU A 920 -21.66 -10.17 55.23
C LEU A 920 -23.12 -10.48 54.88
N LEU A 921 -23.92 -9.42 54.85
CA LEU A 921 -25.34 -9.48 54.49
C LEU A 921 -26.18 -10.26 55.51
N LEU A 922 -25.64 -10.50 56.71
CA LEU A 922 -26.36 -11.13 57.82
C LEU A 922 -26.67 -12.59 57.51
N LEU A 923 -26.32 -13.06 56.32
CA LEU A 923 -26.55 -14.45 55.94
C LEU A 923 -25.39 -15.07 55.16
N ARG A 924 -24.34 -14.32 54.87
CA ARG A 924 -23.22 -14.85 54.11
C ARG A 924 -21.90 -14.62 54.84
PG ATP B . -8.25 10.68 -0.92
O1G ATP B . -9.75 10.56 -0.87
O2G ATP B . -7.72 12.09 -0.84
O3G ATP B . -7.59 9.84 -1.98
PB ATP B . -8.47 8.62 0.92
O1B ATP B . -9.61 8.97 1.84
O2B ATP B . -8.74 7.79 -0.31
O3B ATP B . -7.80 10.00 0.45
PA ATP B . -6.18 7.07 1.03
O1A ATP B . -6.90 5.92 0.39
O2A ATP B . -5.35 8.00 0.17
O3A ATP B . -7.30 7.95 1.78
O5' ATP B . -5.25 6.48 2.19
C5' ATP B . -4.21 7.25 2.80
C4' ATP B . -3.64 6.41 3.93
O4' ATP B . -3.24 5.13 3.45
C3' ATP B . -2.40 7.03 4.56
O3' ATP B . -2.70 7.47 5.89
C2' ATP B . -1.36 5.93 4.63
O2' ATP B . -0.96 5.74 5.97
C1' ATP B . -2.07 4.69 4.14
N9 ATP B . -1.24 3.88 3.21
C8 ATP B . -1.39 3.81 1.88
N7 ATP B . -0.49 2.98 1.32
C5 ATP B . 0.28 2.50 2.32
C6 ATP B . 1.43 1.57 2.42
N6 ATP B . 1.96 0.97 1.33
N1 ATP B . 1.93 1.34 3.65
C2 ATP B . 1.42 1.92 4.75
N3 ATP B . 0.38 2.78 4.72
C4 ATP B . -0.22 3.10 3.56
#